data_7DSN
#
_entry.id   7DSN
#
_cell.length_a   1.00
_cell.length_b   1.00
_cell.length_c   1.00
_cell.angle_alpha   90.00
_cell.angle_beta   90.00
_cell.angle_gamma   90.00
#
_symmetry.space_group_name_H-M   'P 1'
#
loop_
_entity.id
_entity.type
_entity.pdbx_description
1 polymer '4F2 cell-surface antigen heavy chain'
2 polymer 'Large neutral amino acids transporter small subunit 1'
3 branched 2-acetamido-2-deoxy-beta-D-glucopyranose-(1-4)-2-acetamido-2-deoxy-beta-D-glucopyranose
4 non-polymer 1,2-DIACYL-GLYCEROL-3-SN-PHOSPHATE
5 non-polymer '(2~{S})-2-azanyl-7-[[2-(1,3-benzoxazol-2-yl)phenyl]methoxy]-3,4-dihydro-1~{H}-naphthalene-2-carboxylic acid'
6 non-polymer 'CHOLESTEROL HEMISUCCINATE'
7 water water
#
loop_
_entity_poly.entity_id
_entity_poly.type
_entity_poly.pdbx_seq_one_letter_code
_entity_poly.pdbx_strand_id
1 'polypeptide(L)'
;MAHHHHHHHHHHSGRELQPPEASIAVVSIPRQLPGSHSEAGVQGLSAGDDSETGSDCVTQAGLQLLASSDPPALASKNAE
VTVETGFHHVSQADIEFLTSIDPTASASGSAGITGTMSQDTEVDMKEVELNELEPEKQPMNAASGAAMSLAGAEKNGLVK
IKVAEDEAEAAAAAKFTGLSKEELLKVAGSPGWVRTRWALLLLFWLGWLGMLAGAVVIIVRAPRCRELPAQKWWHTGALY
RIGDLQAFQGHGAGNLAGLKGRLDYLSSLKVKGLVLGPIHKNQKDDVAQTDLLQIDPNFGSKEDFDSLLQSAKKKSIRVI
LDLTPNYRGENSWFSTQVDTVATKVKDALEFWLQAGVDGFQVRDIENLKDASSFLAEWQNITKGFSEDRLLIAGTNSSDL
QQILSLLESNKDLLLTSSYLSDSGSTGEHTKSLVTQYLNATGNRWCSWSLSQARLLTSFLPAQLLRLYQLMLFTLPGTPV
FSYGDEIGLDAAALPGQPMEAPVMLWDESSFPDIPGAVSANMTVKGQSEDPGSLLSLFRRLSDQRSKERSLLHGDFHAFS
AGPGLFSYIRHWDQNERFLVVLNFGDVGLSAGLQASDLPASASLPAKADLLLSTQPGREEGSPLELERLKLEPHEGLLLR
FPYAALE
;
A
2 'polypeptide(L)'
;MADYKDDDDKSGPDEVDASGRAGAGPKRRALAAPAAEEKEEAREKMLAAKSADGSAPAGEGEGVTLQRNITLLNGVAIIV
GTIIGSGIFVTPTGVLKEAGSPGLALVVWAACGVFSIVGALCYAELGTTISKSGGDYAYMLEVYGSLPAFLKLWIELLII
RPSSQYIVALVFATYLLKPLFPTCPVPEEAAKLVACLCVLLLTAVNCYSVKAATRVQDAFAAAKLLALALIILLGFVQIG
KGDVSNLDPNFSFEGTKLDVGNIVLALYSGLFAYGGWNYLNFVTEEMINPYRNLPLAIIISLPIVTLVYVLTNLAYFTTL
STEQMLSSEAVAVDFGNYHLGVMSWIIPVFVGLSCFGSVNGSLFTSSRLFFVGSREGHLPSILSMIHPQLLTPVPSLVFT
CVMTLLYAFSKDIFSVINFFSFFNWLCVALAIIGMIWLRHRKPELERPIKVNLALPVFFILACLFLIAVSFWKTPVECGI
GFTIILSGLPVYFFGVWWKNKPKWLLQGIFSTTVLCQKLMQVVPQET
;
B
#
loop_
_chem_comp.id
_chem_comp.type
_chem_comp.name
_chem_comp.formula
3PH non-polymer 1,2-DIACYL-GLYCEROL-3-SN-PHOSPHATE 'C39 H77 O8 P'
HO9 non-polymer '(2~{S})-2-azanyl-7-[[2-(1,3-benzoxazol-2-yl)phenyl]methoxy]-3,4-dihydro-1~{H}-naphthalene-2-carboxylic acid' 'C25 H22 N2 O4'
NAG D-saccharide, beta linking 2-acetamido-2-deoxy-beta-D-glucopyranose 'C8 H15 N O6'
Y01 non-polymer 'CHOLESTEROL HEMISUCCINATE' 'C31 H50 O4'
#
# COMPACT_ATOMS: atom_id res chain seq x y z
N LYS A 175 -20.71 3.74 49.85
CA LYS A 175 -22.05 4.31 49.98
C LYS A 175 -23.08 3.38 49.36
N PHE A 176 -22.78 2.85 48.18
CA PHE A 176 -23.70 1.95 47.49
C PHE A 176 -23.40 0.49 47.80
N THR A 177 -22.15 0.06 47.66
CA THR A 177 -21.76 -1.30 48.05
C THR A 177 -20.39 -1.15 48.70
N GLY A 178 -20.13 0.03 49.28
CA GLY A 178 -18.87 0.24 49.94
C GLY A 178 -19.00 1.28 51.05
N LEU A 179 -17.84 1.66 51.58
CA LEU A 179 -17.79 2.67 52.64
C LEU A 179 -18.05 4.06 52.10
N SER A 180 -18.09 5.05 52.99
CA SER A 180 -18.14 6.45 52.59
C SER A 180 -16.82 7.08 53.00
N LYS A 181 -16.71 8.39 52.78
CA LYS A 181 -15.45 9.13 52.91
C LYS A 181 -14.87 9.12 54.32
N GLU A 182 -15.76 9.28 55.32
CA GLU A 182 -15.41 9.42 56.73
C GLU A 182 -14.70 8.18 57.26
N GLU A 183 -15.36 7.04 57.17
CA GLU A 183 -14.84 5.81 57.74
C GLU A 183 -13.69 5.25 56.89
N LEU A 184 -13.66 5.60 55.61
CA LEU A 184 -12.53 5.22 54.76
C LEU A 184 -11.26 5.96 55.15
N LEU A 185 -11.35 7.27 55.36
CA LEU A 185 -10.17 8.02 55.74
C LEU A 185 -9.82 7.72 57.19
N LYS A 186 -10.80 7.28 57.97
CA LYS A 186 -10.55 6.77 59.32
C LYS A 186 -9.72 5.50 59.29
N VAL A 187 -10.13 4.52 58.48
CA VAL A 187 -9.44 3.22 58.43
C VAL A 187 -8.22 3.28 57.53
N ALA A 188 -8.41 3.62 56.26
CA ALA A 188 -7.34 3.54 55.26
C ALA A 188 -6.55 4.84 55.27
N GLY A 189 -5.94 5.15 56.41
CA GLY A 189 -5.02 6.25 56.51
C GLY A 189 -3.90 5.91 57.46
N SER A 190 -3.90 4.67 57.92
CA SER A 190 -2.93 4.14 58.85
C SER A 190 -1.60 3.91 58.15
N PRO A 191 -0.49 3.98 58.90
CA PRO A 191 0.79 3.52 58.35
C PRO A 191 0.72 2.02 58.06
N GLY A 192 1.47 1.62 57.05
CA GLY A 192 1.28 0.31 56.48
C GLY A 192 0.38 0.37 55.27
N TRP A 193 -0.82 0.93 55.41
CA TRP A 193 -1.66 1.13 54.23
C TRP A 193 -1.16 2.24 53.33
N VAL A 194 -0.35 3.16 53.86
CA VAL A 194 0.37 4.13 53.03
C VAL A 194 1.60 3.48 52.42
N ARG A 195 2.25 2.58 53.17
CA ARG A 195 3.43 1.88 52.68
C ARG A 195 3.08 0.97 51.51
N THR A 196 1.90 0.35 51.57
CA THR A 196 1.47 -0.56 50.51
C THR A 196 1.22 0.19 49.20
N ARG A 197 0.58 1.36 49.28
CA ARG A 197 0.28 2.08 48.04
C ARG A 197 1.51 2.79 47.49
N TRP A 198 2.43 3.24 48.36
CA TRP A 198 3.68 3.78 47.85
C TRP A 198 4.55 2.69 47.24
N ALA A 199 4.54 1.49 47.82
CA ALA A 199 5.29 0.37 47.25
C ALA A 199 4.69 -0.06 45.92
N LEU A 200 3.37 0.02 45.79
CA LEU A 200 2.73 -0.36 44.53
C LEU A 200 3.00 0.67 43.45
N LEU A 201 3.07 1.96 43.81
CA LEU A 201 3.42 2.98 42.84
C LEU A 201 4.86 2.82 42.36
N LEU A 202 5.77 2.50 43.29
CA LEU A 202 7.16 2.28 42.92
C LEU A 202 7.31 1.02 42.07
N LEU A 203 6.50 -0.01 42.36
CA LEU A 203 6.52 -1.23 41.57
C LEU A 203 6.00 -0.99 40.16
N PHE A 204 4.99 -0.14 40.02
CA PHE A 204 4.46 0.21 38.70
C PHE A 204 5.53 0.92 37.87
N TRP A 205 6.22 1.89 38.47
CA TRP A 205 7.22 2.60 37.68
C TRP A 205 8.46 1.77 37.38
N LEU A 206 8.83 0.84 38.27
CA LEU A 206 9.91 -0.08 37.94
C LEU A 206 9.53 -1.06 36.84
N GLY A 207 8.28 -1.52 36.83
CA GLY A 207 7.82 -2.36 35.72
C GLY A 207 7.78 -1.63 34.39
N TRP A 208 7.41 -0.35 34.42
CA TRP A 208 7.41 0.46 33.20
C TRP A 208 8.83 0.68 32.68
N LEU A 209 9.78 1.00 33.57
CA LEU A 209 11.16 1.15 33.12
C LEU A 209 11.84 -0.17 32.80
N GLY A 210 11.28 -1.30 33.23
CA GLY A 210 11.76 -2.58 32.76
C GLY A 210 11.30 -2.86 31.35
N MET A 211 10.01 -2.57 31.07
CA MET A 211 9.48 -2.79 29.74
C MET A 211 10.13 -1.88 28.69
N LEU A 212 10.48 -0.65 29.07
CA LEU A 212 11.14 0.26 28.12
C LEU A 212 12.52 -0.26 27.72
N ALA A 213 13.30 -0.74 28.70
CA ALA A 213 14.62 -1.28 28.40
C ALA A 213 14.51 -2.60 27.65
N GLY A 214 13.45 -3.37 27.91
CA GLY A 214 13.18 -4.57 27.13
C GLY A 214 12.93 -4.28 25.66
N ALA A 215 12.13 -3.24 25.40
CA ALA A 215 11.88 -2.81 24.02
C ALA A 215 13.15 -2.30 23.36
N VAL A 216 14.01 -1.62 24.12
CA VAL A 216 15.28 -1.11 23.58
C VAL A 216 16.21 -2.26 23.20
N VAL A 217 16.34 -3.26 24.07
CA VAL A 217 17.27 -4.36 23.76
C VAL A 217 16.66 -5.36 22.78
N ILE A 218 15.36 -5.23 22.51
CA ILE A 218 14.79 -6.00 21.40
C ILE A 218 15.05 -5.29 20.08
N ILE A 219 14.96 -3.96 20.08
CA ILE A 219 15.22 -3.17 18.86
C ILE A 219 16.68 -3.26 18.45
N VAL A 220 17.58 -3.21 19.43
CA VAL A 220 19.02 -3.26 19.16
C VAL A 220 19.43 -4.64 18.63
N ARG A 221 18.78 -5.70 19.12
CA ARG A 221 19.13 -7.06 18.71
C ARG A 221 18.39 -7.50 17.45
N ALA A 222 17.66 -6.59 16.80
CA ALA A 222 17.17 -6.84 15.44
C ALA A 222 18.38 -6.63 14.54
N PRO A 223 18.53 -7.43 13.43
CA PRO A 223 19.83 -7.48 12.74
C PRO A 223 20.31 -6.17 12.12
N ARG A 224 19.69 -5.78 11.00
CA ARG A 224 19.77 -4.55 10.21
C ARG A 224 18.79 -4.80 9.09
N CYS A 225 18.67 -3.87 8.15
CA CYS A 225 18.19 -4.20 6.83
C CYS A 225 18.87 -3.36 5.76
N ARG A 226 18.98 -3.95 4.57
CA ARG A 226 19.95 -3.62 3.55
C ARG A 226 19.58 -2.35 2.79
N GLU A 227 20.54 -1.74 2.10
CA GLU A 227 20.30 -0.49 1.41
C GLU A 227 19.95 -0.79 -0.04
N LEU A 228 19.12 0.04 -0.64
CA LEU A 228 18.71 -0.18 -2.01
C LEU A 228 19.87 0.20 -2.95
N PRO A 229 20.05 -0.51 -4.07
CA PRO A 229 21.29 -0.37 -4.84
C PRO A 229 21.32 0.75 -5.87
N ALA A 230 20.39 1.71 -5.77
CA ALA A 230 20.33 2.92 -6.62
C ALA A 230 20.22 2.57 -8.11
N GLN A 231 19.06 2.00 -8.43
CA GLN A 231 18.80 1.51 -9.78
C GLN A 231 18.60 2.67 -10.77
N LYS A 232 18.81 2.35 -12.04
CA LYS A 232 18.54 3.25 -13.14
C LYS A 232 17.14 2.96 -13.70
N TRP A 233 16.80 3.57 -14.83
CA TRP A 233 15.47 3.34 -15.38
C TRP A 233 15.40 2.06 -16.19
N TRP A 234 16.51 1.61 -16.75
CA TRP A 234 16.53 0.37 -17.50
C TRP A 234 16.74 -0.85 -16.62
N HIS A 235 16.84 -0.67 -15.31
CA HIS A 235 16.85 -1.76 -14.37
C HIS A 235 15.46 -2.19 -13.96
N THR A 236 14.43 -1.47 -14.39
CA THR A 236 13.09 -1.59 -13.83
C THR A 236 12.18 -2.50 -14.62
N GLY A 237 12.34 -2.61 -15.93
CA GLY A 237 11.50 -3.47 -16.74
C GLY A 237 12.17 -3.85 -18.03
N ALA A 238 11.36 -4.05 -19.06
CA ALA A 238 11.84 -4.56 -20.34
C ALA A 238 11.96 -3.46 -21.38
N LEU A 239 12.77 -3.74 -22.41
CA LEU A 239 12.91 -2.89 -23.58
C LEU A 239 12.21 -3.55 -24.76
N TYR A 240 11.88 -2.74 -25.76
CA TYR A 240 11.02 -3.16 -26.86
C TYR A 240 11.63 -2.63 -28.15
N ARG A 241 12.15 -3.53 -28.98
CA ARG A 241 12.84 -3.14 -30.21
C ARG A 241 11.84 -3.10 -31.36
N ILE A 242 11.83 -1.98 -32.08
CA ILE A 242 10.99 -1.80 -33.26
C ILE A 242 11.91 -1.56 -34.43
N GLY A 243 12.17 -2.61 -35.21
CA GLY A 243 13.10 -2.54 -36.31
C GLY A 243 12.62 -1.70 -37.47
N ASP A 244 11.56 -2.14 -38.14
CA ASP A 244 11.00 -1.39 -39.25
C ASP A 244 9.76 -0.64 -38.78
N LEU A 245 9.73 0.66 -39.04
CA LEU A 245 8.62 1.48 -38.60
C LEU A 245 7.40 1.32 -39.49
N GLN A 246 7.60 1.02 -40.77
CA GLN A 246 6.48 0.83 -41.68
C GLN A 246 5.76 -0.49 -41.42
N ALA A 247 6.50 -1.54 -41.07
CA ALA A 247 5.88 -2.83 -40.80
C ALA A 247 5.26 -2.92 -39.41
N PHE A 248 5.40 -1.89 -38.58
CA PHE A 248 4.77 -1.87 -37.27
C PHE A 248 3.33 -1.37 -37.34
N GLN A 249 3.07 -0.33 -38.11
CA GLN A 249 1.71 0.16 -38.33
C GLN A 249 1.10 -0.43 -39.60
N GLY A 250 1.73 -0.19 -40.73
CA GLY A 250 1.20 -0.61 -42.01
C GLY A 250 1.49 0.43 -43.06
N HIS A 251 0.75 0.33 -44.17
CA HIS A 251 0.94 1.29 -45.25
C HIS A 251 0.23 2.59 -44.93
N GLY A 252 0.68 3.67 -45.58
CA GLY A 252 0.12 4.98 -45.36
C GLY A 252 0.67 5.67 -44.14
N ALA A 253 0.23 5.23 -42.96
CA ALA A 253 0.67 5.81 -41.70
C ALA A 253 1.90 5.08 -41.14
N GLY A 254 2.96 5.00 -41.95
CA GLY A 254 4.16 4.31 -41.53
C GLY A 254 5.27 5.27 -41.16
N ASN A 255 4.92 6.39 -40.55
CA ASN A 255 5.88 7.41 -40.15
C ASN A 255 5.79 7.65 -38.65
N LEU A 256 6.58 8.61 -38.16
CA LEU A 256 6.69 8.85 -36.73
C LEU A 256 5.44 9.46 -36.13
N ALA A 257 4.58 10.08 -36.94
CA ALA A 257 3.34 10.64 -36.41
C ALA A 257 2.35 9.53 -36.08
N GLY A 258 2.36 8.43 -36.85
CA GLY A 258 1.50 7.32 -36.54
C GLY A 258 2.00 6.46 -35.40
N LEU A 259 3.27 6.62 -35.03
CA LEU A 259 3.82 5.87 -33.90
C LEU A 259 3.26 6.37 -32.58
N LYS A 260 2.84 7.63 -32.54
CA LYS A 260 2.28 8.24 -31.34
C LYS A 260 0.96 7.62 -30.92
N GLY A 261 0.22 7.02 -31.86
CA GLY A 261 -1.05 6.41 -31.53
C GLY A 261 -0.96 5.07 -30.84
N ARG A 262 0.20 4.41 -30.91
CA ARG A 262 0.39 3.10 -30.30
C ARG A 262 0.99 3.17 -28.90
N LEU A 263 1.22 4.37 -28.36
CA LEU A 263 1.94 4.53 -27.11
C LEU A 263 1.13 4.15 -25.88
N ASP A 264 -0.14 3.76 -26.03
CA ASP A 264 -0.89 3.21 -24.92
C ASP A 264 -0.96 1.70 -24.96
N TYR A 265 -0.80 1.10 -26.14
CA TYR A 265 -0.58 -0.34 -26.23
C TYR A 265 0.78 -0.70 -25.63
N LEU A 266 1.77 0.17 -25.79
CA LEU A 266 3.06 -0.04 -25.15
C LEU A 266 2.98 0.16 -23.65
N SER A 267 2.07 1.01 -23.18
CA SER A 267 1.87 1.16 -21.75
C SER A 267 1.10 -0.03 -21.18
N SER A 268 0.35 -0.74 -22.02
CA SER A 268 -0.26 -2.00 -21.61
C SER A 268 0.76 -3.11 -21.38
N LEU A 269 1.88 -3.09 -22.11
CA LEU A 269 2.93 -4.07 -21.94
C LEU A 269 3.87 -3.74 -20.78
N LYS A 270 3.77 -2.52 -20.23
CA LYS A 270 4.60 -2.03 -19.12
C LYS A 270 6.09 -2.06 -19.46
N VAL A 271 6.40 -1.73 -20.70
CA VAL A 271 7.79 -1.64 -21.12
C VAL A 271 8.31 -0.27 -20.70
N LYS A 272 9.61 -0.20 -20.41
CA LYS A 272 10.21 1.02 -19.91
C LYS A 272 11.00 1.75 -20.97
N GLY A 273 11.23 1.12 -22.11
CA GLY A 273 12.09 1.72 -23.12
C GLY A 273 11.63 1.32 -24.49
N LEU A 274 12.07 2.10 -25.48
CA LEU A 274 11.70 1.89 -26.87
C LEU A 274 12.93 2.11 -27.72
N VAL A 275 13.38 1.06 -28.40
CA VAL A 275 14.54 1.16 -29.28
C VAL A 275 13.99 1.40 -30.69
N LEU A 276 13.89 2.67 -31.07
CA LEU A 276 13.47 2.99 -32.41
C LEU A 276 14.58 2.68 -33.39
N GLY A 277 14.19 2.18 -34.57
CA GLY A 277 15.14 1.80 -35.57
C GLY A 277 15.81 3.01 -36.20
N PRO A 278 16.77 2.75 -37.09
CA PRO A 278 17.52 3.86 -37.71
C PRO A 278 16.63 4.67 -38.64
N ILE A 279 16.49 5.95 -38.34
CA ILE A 279 15.60 6.85 -39.06
C ILE A 279 16.35 7.90 -39.84
N HIS A 280 17.68 7.86 -39.84
CA HIS A 280 18.46 8.92 -40.46
C HIS A 280 18.53 8.74 -41.97
N LYS A 281 19.15 9.70 -42.64
CA LYS A 281 19.24 9.73 -44.09
C LYS A 281 20.43 8.89 -44.55
N ASN A 282 20.15 7.66 -44.96
CA ASN A 282 21.14 6.77 -45.55
C ASN A 282 20.69 6.45 -46.97
N GLN A 283 21.45 6.92 -47.95
CA GLN A 283 21.17 6.53 -49.32
C GLN A 283 21.45 5.04 -49.55
N LYS A 284 22.74 4.69 -49.57
CA LYS A 284 23.25 3.34 -49.79
C LYS A 284 24.74 3.46 -49.51
N ASP A 285 25.57 2.52 -49.98
CA ASP A 285 26.97 2.36 -49.62
C ASP A 285 27.90 3.54 -49.90
N ASP A 286 27.39 4.63 -50.46
CA ASP A 286 28.13 5.88 -50.50
C ASP A 286 28.18 6.45 -49.08
N VAL A 287 29.39 6.79 -48.63
CA VAL A 287 29.57 7.29 -47.27
C VAL A 287 29.23 8.78 -47.21
N ALA A 288 29.55 9.54 -48.26
CA ALA A 288 29.37 10.99 -48.21
C ALA A 288 27.89 11.38 -48.25
N GLN A 289 27.03 10.49 -48.73
CA GLN A 289 25.59 10.72 -48.76
C GLN A 289 24.89 9.98 -47.63
N THR A 290 25.56 9.86 -46.49
CA THR A 290 24.99 9.29 -45.27
C THR A 290 25.21 10.29 -44.15
N ASP A 291 24.12 10.92 -43.69
CA ASP A 291 24.18 11.87 -42.60
C ASP A 291 23.32 11.38 -41.45
N LEU A 292 23.89 11.35 -40.25
CA LEU A 292 23.19 10.86 -39.08
C LEU A 292 22.46 11.95 -38.32
N LEU A 293 22.52 13.18 -38.79
CA LEU A 293 21.87 14.31 -38.12
C LEU A 293 20.53 14.66 -38.75
N GLN A 294 20.19 14.06 -39.89
CA GLN A 294 18.99 14.43 -40.65
C GLN A 294 18.11 13.21 -40.79
N ILE A 295 16.82 13.39 -40.55
CA ILE A 295 15.85 12.30 -40.64
C ILE A 295 15.44 12.12 -42.10
N ASP A 296 15.32 10.86 -42.52
CA ASP A 296 14.77 10.53 -43.83
C ASP A 296 13.32 10.99 -43.90
N PRO A 297 12.88 11.58 -45.01
CA PRO A 297 11.51 12.12 -45.08
C PRO A 297 10.41 11.08 -45.09
N ASN A 298 10.72 9.80 -45.30
CA ASN A 298 9.70 8.77 -45.27
C ASN A 298 9.22 8.46 -43.85
N PHE A 299 9.97 8.86 -42.82
CA PHE A 299 9.55 8.69 -41.44
C PHE A 299 9.02 9.98 -40.82
N GLY A 300 9.24 11.12 -41.45
CA GLY A 300 8.73 12.38 -40.92
C GLY A 300 9.76 13.48 -40.90
N SER A 301 9.72 14.33 -39.87
CA SER A 301 10.69 15.40 -39.70
C SER A 301 11.03 15.50 -38.23
N LYS A 302 11.92 16.43 -37.89
CA LYS A 302 12.37 16.56 -36.50
C LYS A 302 11.28 17.12 -35.61
N GLU A 303 10.41 17.96 -36.16
CA GLU A 303 9.30 18.50 -35.39
C GLU A 303 8.21 17.47 -35.14
N ASP A 304 8.21 16.36 -35.87
CA ASP A 304 7.42 15.20 -35.47
C ASP A 304 8.16 14.34 -34.44
N PHE A 305 9.50 14.33 -34.49
CA PHE A 305 10.27 13.47 -33.62
C PHE A 305 10.25 13.97 -32.18
N ASP A 306 10.47 15.27 -31.96
CA ASP A 306 10.40 15.77 -30.60
C ASP A 306 8.97 15.79 -30.07
N SER A 307 7.98 15.88 -30.96
CA SER A 307 6.60 15.69 -30.55
C SER A 307 6.36 14.27 -30.05
N LEU A 308 6.91 13.27 -30.74
CA LEU A 308 6.85 11.89 -30.26
C LEU A 308 7.58 11.71 -28.93
N LEU A 309 8.72 12.38 -28.78
CA LEU A 309 9.49 12.31 -27.53
C LEU A 309 8.71 12.89 -26.36
N GLN A 310 8.10 14.06 -26.57
CA GLN A 310 7.33 14.69 -25.50
C GLN A 310 6.03 13.94 -25.22
N SER A 311 5.46 13.29 -26.23
CA SER A 311 4.27 12.48 -26.01
C SER A 311 4.59 11.15 -25.33
N ALA A 312 5.81 10.64 -25.49
CA ALA A 312 6.21 9.42 -24.80
C ALA A 312 6.72 9.68 -23.39
N LYS A 313 7.22 10.90 -23.12
CA LYS A 313 7.63 11.26 -21.77
C LYS A 313 6.44 11.30 -20.81
N LYS A 314 5.23 11.57 -21.32
CA LYS A 314 4.02 11.60 -20.51
C LYS A 314 3.62 10.22 -20.00
N LYS A 315 3.94 9.16 -20.73
CA LYS A 315 3.53 7.81 -20.38
C LYS A 315 4.62 7.03 -19.65
N SER A 316 5.71 7.72 -19.24
CA SER A 316 6.88 7.13 -18.59
C SER A 316 7.56 6.07 -19.46
N ILE A 317 7.86 6.43 -20.70
CA ILE A 317 8.51 5.56 -21.67
C ILE A 317 9.68 6.31 -22.25
N ARG A 318 10.88 5.74 -22.14
CA ARG A 318 12.09 6.36 -22.67
C ARG A 318 12.36 5.85 -24.08
N VAL A 319 12.98 6.69 -24.89
CA VAL A 319 13.19 6.43 -26.31
C VAL A 319 14.68 6.29 -26.59
N ILE A 320 15.07 5.18 -27.18
CA ILE A 320 16.44 4.88 -27.55
C ILE A 320 16.53 4.90 -29.07
N LEU A 321 17.56 5.55 -29.60
CA LEU A 321 17.70 5.78 -31.02
C LEU A 321 18.83 4.93 -31.59
N ASP A 322 18.51 4.02 -32.50
CA ASP A 322 19.53 3.24 -33.18
C ASP A 322 20.29 4.11 -34.17
N LEU A 323 21.62 4.07 -34.10
CA LEU A 323 22.47 4.86 -34.99
C LEU A 323 23.43 4.01 -35.80
N THR A 324 23.00 2.85 -36.25
CA THR A 324 23.83 2.06 -37.17
C THR A 324 23.79 2.73 -38.54
N PRO A 325 24.94 3.15 -39.10
CA PRO A 325 24.94 4.01 -40.28
C PRO A 325 24.41 3.38 -41.56
N ASN A 326 24.98 2.26 -42.00
CA ASN A 326 24.61 1.64 -43.27
C ASN A 326 23.58 0.56 -43.00
N TYR A 327 22.38 0.97 -42.62
CA TYR A 327 21.32 0.03 -42.32
C TYR A 327 20.52 -0.39 -43.55
N ARG A 328 20.92 0.07 -44.73
CA ARG A 328 20.29 -0.33 -45.97
C ARG A 328 21.19 -1.18 -46.85
N GLY A 329 22.50 -1.21 -46.58
CA GLY A 329 23.40 -2.09 -47.29
C GLY A 329 23.54 -3.43 -46.60
N GLU A 330 24.58 -4.16 -47.00
CA GLU A 330 24.81 -5.48 -46.42
C GLU A 330 25.86 -5.43 -45.32
N ASN A 331 26.87 -4.58 -45.48
CA ASN A 331 27.85 -4.33 -44.42
C ASN A 331 27.46 -3.04 -43.72
N SER A 332 27.14 -3.15 -42.44
CA SER A 332 26.50 -2.04 -41.72
C SER A 332 27.45 -0.94 -41.33
N TRP A 333 28.75 -1.10 -41.55
CA TRP A 333 29.72 -0.10 -41.16
C TRP A 333 30.61 0.31 -42.33
N PHE A 334 30.08 0.24 -43.56
CA PHE A 334 30.69 0.82 -44.75
C PHE A 334 32.08 0.27 -45.06
N SER A 335 32.17 -0.93 -45.66
CA SER A 335 33.40 -1.70 -45.93
C SER A 335 34.60 -0.93 -46.50
N THR A 336 34.36 0.26 -47.04
CA THR A 336 35.33 1.28 -47.39
C THR A 336 35.77 2.03 -46.12
N GLN A 337 36.18 3.30 -46.27
CA GLN A 337 36.75 4.19 -45.25
C GLN A 337 36.22 4.04 -43.82
N VAL A 338 37.13 3.90 -42.86
CA VAL A 338 36.81 3.33 -41.57
C VAL A 338 36.55 4.38 -40.48
N ASP A 339 37.50 5.28 -40.22
CA ASP A 339 37.38 6.11 -39.02
C ASP A 339 36.49 7.33 -39.24
N THR A 340 36.39 7.80 -40.48
CA THR A 340 35.54 8.93 -40.82
C THR A 340 34.06 8.66 -40.51
N VAL A 341 33.60 7.43 -40.72
CA VAL A 341 32.22 7.09 -40.38
C VAL A 341 32.04 6.88 -38.87
N ALA A 342 33.12 6.80 -38.10
CA ALA A 342 33.00 6.79 -36.66
C ALA A 342 33.03 8.18 -36.05
N THR A 343 33.74 9.12 -36.68
CA THR A 343 33.66 10.51 -36.24
C THR A 343 32.28 11.12 -36.44
N LYS A 344 31.54 10.69 -37.45
CA LYS A 344 30.18 11.19 -37.61
C LYS A 344 29.19 10.51 -36.67
N VAL A 345 29.57 9.40 -36.04
CA VAL A 345 28.79 8.87 -34.92
C VAL A 345 29.10 9.65 -33.65
N LYS A 346 30.38 9.97 -33.46
CA LYS A 346 30.81 10.78 -32.31
C LYS A 346 30.19 12.16 -32.34
N ASP A 347 30.04 12.74 -33.54
CA ASP A 347 29.38 14.03 -33.68
C ASP A 347 27.87 13.94 -33.56
N ALA A 348 27.27 12.78 -33.84
CA ALA A 348 25.82 12.62 -33.77
C ALA A 348 25.31 12.30 -32.37
N LEU A 349 26.15 11.71 -31.52
CA LEU A 349 25.75 11.45 -30.13
C LEU A 349 25.44 12.74 -29.39
N GLU A 350 26.31 13.74 -29.53
CA GLU A 350 26.08 15.05 -28.92
C GLU A 350 24.86 15.77 -29.48
N PHE A 351 24.63 15.66 -30.79
CA PHE A 351 23.49 16.32 -31.42
C PHE A 351 22.17 15.70 -31.01
N TRP A 352 22.10 14.38 -30.93
CA TRP A 352 20.85 13.74 -30.54
C TRP A 352 20.63 13.74 -29.04
N LEU A 353 21.68 13.88 -28.23
CA LEU A 353 21.49 13.94 -26.80
C LEU A 353 20.88 15.26 -26.32
N GLN A 354 21.08 16.35 -27.07
CA GLN A 354 20.46 17.61 -26.71
C GLN A 354 19.04 17.73 -27.21
N ALA A 355 18.67 16.94 -28.23
CA ALA A 355 17.29 16.84 -28.64
C ALA A 355 16.45 16.09 -27.62
N GLY A 356 17.08 15.26 -26.79
CA GLY A 356 16.44 14.68 -25.65
C GLY A 356 16.24 13.18 -25.67
N VAL A 357 16.99 12.44 -26.49
CA VAL A 357 16.87 10.98 -26.47
C VAL A 357 17.54 10.45 -25.21
N ASP A 358 17.14 9.26 -24.81
CA ASP A 358 17.56 8.68 -23.56
C ASP A 358 18.59 7.58 -23.72
N GLY A 359 19.11 7.38 -24.93
CA GLY A 359 20.10 6.36 -25.14
C GLY A 359 20.35 6.15 -26.61
N PHE A 360 21.26 5.21 -26.90
CA PHE A 360 21.61 4.87 -28.26
C PHE A 360 21.82 3.37 -28.37
N GLN A 361 21.77 2.87 -29.61
CA GLN A 361 22.09 1.48 -29.91
C GLN A 361 22.91 1.43 -31.17
N VAL A 362 23.97 0.61 -31.17
CA VAL A 362 24.72 0.29 -32.38
C VAL A 362 24.69 -1.22 -32.56
N ARG A 363 24.39 -1.66 -33.77
CA ARG A 363 24.29 -3.08 -34.07
C ARG A 363 25.45 -3.50 -34.96
N ASP A 364 25.68 -4.82 -34.99
CA ASP A 364 26.63 -5.49 -35.88
C ASP A 364 28.05 -4.92 -35.73
N ILE A 365 28.55 -4.94 -34.49
CA ILE A 365 29.84 -4.32 -34.22
C ILE A 365 30.94 -5.36 -34.26
N GLU A 366 30.66 -6.52 -34.84
CA GLU A 366 31.73 -7.42 -35.23
C GLU A 366 32.34 -7.03 -36.57
N ASN A 367 31.72 -6.10 -37.29
CA ASN A 367 32.28 -5.54 -38.51
C ASN A 367 32.93 -4.18 -38.27
N LEU A 368 32.89 -3.67 -37.04
CA LEU A 368 33.51 -2.40 -36.72
C LEU A 368 34.95 -2.65 -36.32
N LYS A 369 35.87 -1.92 -36.94
CA LYS A 369 37.28 -2.02 -36.61
C LYS A 369 37.56 -1.16 -35.38
N ASP A 370 38.41 -1.69 -34.48
CA ASP A 370 38.73 -1.06 -33.18
C ASP A 370 37.47 -0.86 -32.36
N ALA A 371 36.68 -1.93 -32.23
CA ALA A 371 35.34 -1.80 -31.64
C ALA A 371 35.41 -1.53 -30.14
N SER A 372 36.31 -2.23 -29.44
CA SER A 372 36.43 -2.05 -28.00
C SER A 372 37.01 -0.69 -27.64
N SER A 373 37.73 -0.06 -28.58
CA SER A 373 38.21 1.30 -28.37
C SER A 373 37.13 2.34 -28.62
N PHE A 374 36.29 2.14 -29.64
CA PHE A 374 35.24 3.10 -29.95
C PHE A 374 34.11 3.05 -28.93
N LEU A 375 33.80 1.86 -28.41
CA LEU A 375 32.71 1.71 -27.47
C LEU A 375 32.98 2.40 -26.15
N ALA A 376 34.23 2.37 -25.68
CA ALA A 376 34.59 3.09 -24.46
C ALA A 376 34.50 4.59 -24.64
N GLU A 377 34.88 5.10 -25.81
CA GLU A 377 34.76 6.53 -26.08
C GLU A 377 33.31 6.97 -26.13
N TRP A 378 32.46 6.21 -26.82
CA TRP A 378 31.04 6.56 -26.89
C TRP A 378 30.33 6.38 -25.54
N GLN A 379 30.74 5.40 -24.74
CA GLN A 379 30.22 5.24 -23.39
C GLN A 379 30.62 6.41 -22.49
N ASN A 380 31.85 6.88 -22.61
CA ASN A 380 32.30 8.01 -21.79
C ASN A 380 31.67 9.31 -22.27
N ILE A 381 31.32 9.41 -23.56
CA ILE A 381 30.57 10.58 -24.02
C ILE A 381 29.14 10.54 -23.51
N THR A 382 28.49 9.37 -23.57
CA THR A 382 27.08 9.26 -23.18
C THR A 382 26.90 9.42 -21.68
N LYS A 383 27.77 8.82 -20.88
CA LYS A 383 27.69 8.98 -19.43
C LYS A 383 28.20 10.33 -18.96
N GLY A 384 28.99 11.02 -19.78
CA GLY A 384 29.43 12.36 -19.47
C GLY A 384 28.37 13.42 -19.63
N PHE A 385 27.23 13.08 -20.23
CA PHE A 385 26.07 13.94 -20.30
C PHE A 385 25.19 13.80 -19.07
N SER A 386 24.77 12.58 -18.77
CA SER A 386 24.04 12.26 -17.56
C SER A 386 24.26 10.79 -17.25
N GLU A 387 24.00 10.42 -16.01
CA GLU A 387 24.07 9.02 -15.61
C GLU A 387 22.75 8.30 -15.84
N ASP A 388 21.74 9.00 -16.37
CA ASP A 388 20.49 8.39 -16.79
C ASP A 388 20.48 8.06 -18.26
N ARG A 389 21.64 7.75 -18.83
CA ARG A 389 21.80 7.56 -20.27
C ARG A 389 22.35 6.19 -20.55
N LEU A 390 21.83 5.55 -21.59
CA LEU A 390 22.11 4.17 -21.91
C LEU A 390 22.88 4.09 -23.23
N LEU A 391 23.64 3.02 -23.40
CA LEU A 391 24.28 2.71 -24.68
C LEU A 391 24.26 1.21 -24.85
N ILE A 392 23.55 0.73 -25.87
CA ILE A 392 23.40 -0.69 -26.13
C ILE A 392 24.28 -1.04 -27.32
N ALA A 393 24.89 -2.21 -27.29
CA ALA A 393 25.70 -2.70 -28.40
C ALA A 393 25.21 -4.08 -28.80
N GLY A 394 25.38 -4.42 -30.08
CA GLY A 394 24.91 -5.69 -30.56
C GLY A 394 25.87 -6.44 -31.45
N THR A 395 26.11 -7.71 -31.15
CA THR A 395 26.94 -8.59 -31.97
C THR A 395 26.12 -9.78 -32.44
N ASN A 396 26.63 -10.47 -33.45
CA ASN A 396 26.10 -11.78 -33.81
C ASN A 396 26.95 -12.90 -33.23
N SER A 397 27.85 -12.56 -32.32
CA SER A 397 28.74 -13.52 -31.68
C SER A 397 27.95 -14.44 -30.77
N SER A 398 28.50 -15.61 -30.51
CA SER A 398 27.84 -16.61 -29.69
C SER A 398 28.77 -17.29 -28.71
N ASP A 399 30.07 -17.01 -28.75
CA ASP A 399 31.02 -17.63 -27.84
C ASP A 399 31.39 -16.64 -26.74
N LEU A 400 31.66 -17.18 -25.55
CA LEU A 400 31.73 -16.35 -24.35
C LEU A 400 33.00 -15.50 -24.32
N GLN A 401 34.10 -16.03 -24.84
CA GLN A 401 35.37 -15.31 -24.75
C GLN A 401 35.45 -14.14 -25.71
N GLN A 402 34.66 -14.15 -26.79
CA GLN A 402 34.59 -12.99 -27.66
C GLN A 402 33.67 -11.91 -27.09
N ILE A 403 32.67 -12.32 -26.31
CA ILE A 403 31.79 -11.39 -25.64
C ILE A 403 32.53 -10.72 -24.48
N LEU A 404 33.33 -11.50 -23.75
CA LEU A 404 34.07 -10.99 -22.60
C LEU A 404 35.21 -10.07 -23.02
N SER A 405 35.69 -10.20 -24.25
CA SER A 405 36.72 -9.30 -24.74
C SER A 405 36.17 -7.90 -24.99
N LEU A 406 34.89 -7.79 -25.34
CA LEU A 406 34.28 -6.49 -25.54
C LEU A 406 33.94 -5.82 -24.22
N LEU A 407 33.76 -6.60 -23.16
CA LEU A 407 33.25 -6.09 -21.89
C LEU A 407 34.33 -5.96 -20.83
N GLU A 408 35.61 -6.01 -21.20
CA GLU A 408 36.65 -5.95 -20.19
C GLU A 408 37.15 -4.53 -19.94
N SER A 409 37.03 -3.63 -20.91
CA SER A 409 37.38 -2.24 -20.69
C SER A 409 36.21 -1.45 -20.11
N ASN A 410 35.10 -1.40 -20.83
CA ASN A 410 33.88 -0.79 -20.33
C ASN A 410 32.96 -1.86 -19.78
N LYS A 411 32.29 -1.56 -18.67
CA LYS A 411 31.47 -2.54 -17.99
C LYS A 411 30.06 -2.08 -17.65
N ASP A 412 29.71 -0.82 -17.91
CA ASP A 412 28.33 -0.36 -17.82
C ASP A 412 27.60 -0.49 -19.15
N LEU A 413 28.17 -1.24 -20.09
CA LEU A 413 27.62 -1.37 -21.44
C LEU A 413 26.63 -2.53 -21.48
N LEU A 414 25.44 -2.26 -21.98
CA LEU A 414 24.52 -3.34 -22.32
C LEU A 414 24.93 -3.94 -23.65
N LEU A 415 24.93 -5.26 -23.72
CA LEU A 415 25.42 -5.96 -24.90
C LEU A 415 24.44 -7.07 -25.23
N THR A 416 23.72 -6.93 -26.34
CA THR A 416 22.82 -7.97 -26.81
C THR A 416 23.54 -8.81 -27.86
N SER A 417 23.32 -10.11 -27.83
CA SER A 417 24.07 -11.02 -28.68
C SER A 417 23.25 -12.28 -28.90
N SER A 418 23.85 -13.27 -29.56
CA SER A 418 23.17 -14.51 -29.83
C SER A 418 23.73 -15.62 -28.97
N TYR A 419 24.04 -15.31 -27.72
CA TYR A 419 24.62 -16.25 -26.77
C TYR A 419 23.66 -17.35 -26.38
N LEU A 420 22.37 -17.03 -26.21
CA LEU A 420 21.40 -18.05 -25.80
C LEU A 420 20.68 -18.66 -26.99
N SER A 421 20.99 -18.21 -28.20
CA SER A 421 20.30 -18.62 -29.42
C SER A 421 20.56 -20.06 -29.80
N ASP A 422 21.73 -20.56 -29.44
CA ASP A 422 22.27 -21.81 -29.98
C ASP A 422 21.45 -23.05 -29.63
N SER A 423 21.03 -23.16 -28.37
CA SER A 423 20.45 -24.40 -27.86
C SER A 423 19.13 -24.75 -28.53
N GLY A 424 18.07 -23.98 -28.23
CA GLY A 424 16.71 -24.36 -28.55
C GLY A 424 16.33 -25.75 -28.06
N SER A 425 16.90 -26.15 -26.92
CA SER A 425 17.11 -27.55 -26.59
C SER A 425 17.08 -27.77 -25.08
N THR A 426 17.69 -28.87 -24.63
CA THR A 426 17.69 -29.36 -23.26
C THR A 426 18.08 -28.32 -22.21
N GLY A 427 17.63 -28.54 -20.98
CA GLY A 427 17.72 -27.53 -19.93
C GLY A 427 19.05 -27.47 -19.23
N GLU A 428 19.81 -28.57 -19.29
CA GLU A 428 21.14 -28.58 -18.69
C GLU A 428 22.08 -27.61 -19.41
N HIS A 429 21.97 -27.54 -20.74
CA HIS A 429 22.78 -26.61 -21.50
C HIS A 429 22.39 -25.16 -21.26
N THR A 430 21.10 -24.87 -21.15
CA THR A 430 20.67 -23.50 -20.83
C THR A 430 21.08 -23.09 -19.43
N LYS A 431 20.97 -24.01 -18.47
CA LYS A 431 21.42 -23.74 -17.11
C LYS A 431 22.92 -23.49 -17.06
N SER A 432 23.69 -24.27 -17.81
CA SER A 432 25.14 -24.08 -17.87
C SER A 432 25.50 -22.76 -18.54
N LEU A 433 24.75 -22.37 -19.58
CA LEU A 433 25.03 -21.11 -20.27
C LEU A 433 24.77 -19.91 -19.37
N VAL A 434 23.62 -19.89 -18.68
CA VAL A 434 23.28 -18.78 -17.80
C VAL A 434 24.24 -18.71 -16.61
N THR A 435 24.52 -19.85 -15.97
CA THR A 435 25.41 -19.84 -14.81
C THR A 435 26.87 -19.54 -15.18
N GLN A 436 27.36 -20.03 -16.32
CA GLN A 436 28.69 -19.70 -16.78
C GLN A 436 28.83 -18.24 -17.16
N TYR A 437 27.82 -17.64 -17.81
CA TYR A 437 27.87 -16.20 -18.07
C TYR A 437 27.89 -15.39 -16.80
N LEU A 438 27.00 -15.72 -15.85
CA LEU A 438 26.90 -14.94 -14.62
C LEU A 438 28.12 -15.11 -13.73
N ASN A 439 28.79 -16.26 -13.80
CA ASN A 439 30.00 -16.46 -13.02
C ASN A 439 31.22 -15.83 -13.68
N ALA A 440 31.28 -15.88 -15.02
CA ALA A 440 32.38 -15.27 -15.74
C ALA A 440 32.37 -13.75 -15.68
N THR A 441 31.19 -13.12 -15.69
CA THR A 441 31.12 -11.67 -15.66
C THR A 441 31.09 -11.10 -14.25
N GLY A 442 31.06 -11.95 -13.23
CA GLY A 442 31.14 -11.46 -11.87
C GLY A 442 29.85 -10.93 -11.30
N ASN A 443 28.70 -11.45 -11.77
CA ASN A 443 27.36 -11.03 -11.36
C ASN A 443 27.13 -9.54 -11.54
N ARG A 444 27.32 -9.06 -12.76
CA ARG A 444 27.03 -7.67 -13.07
C ARG A 444 25.64 -7.56 -13.67
N TRP A 445 25.25 -6.34 -14.04
CA TRP A 445 23.97 -6.15 -14.69
C TRP A 445 24.12 -6.51 -16.16
N CYS A 446 23.40 -7.52 -16.60
CA CYS A 446 23.48 -8.00 -17.97
C CYS A 446 22.16 -7.78 -18.68
N SER A 447 22.16 -8.10 -19.97
CA SER A 447 20.99 -8.01 -20.82
C SER A 447 20.67 -9.42 -21.31
N TRP A 448 19.45 -9.86 -21.08
CA TRP A 448 19.04 -11.20 -21.48
C TRP A 448 18.20 -11.10 -22.73
N SER A 449 18.54 -11.89 -23.73
CA SER A 449 17.94 -11.80 -25.05
C SER A 449 18.12 -13.12 -25.75
N LEU A 450 17.65 -13.19 -26.99
CA LEU A 450 18.02 -14.28 -27.88
C LEU A 450 18.61 -13.83 -29.20
N SER A 451 18.62 -12.54 -29.49
CA SER A 451 19.24 -12.05 -30.71
C SER A 451 19.62 -10.60 -30.49
N GLN A 452 20.03 -9.94 -31.57
CA GLN A 452 20.21 -8.50 -31.58
C GLN A 452 19.15 -7.78 -32.40
N ALA A 453 18.52 -8.45 -33.36
CA ALA A 453 17.41 -7.83 -34.07
C ALA A 453 16.28 -8.79 -34.45
N ARG A 454 16.33 -10.06 -34.06
CA ARG A 454 15.40 -11.06 -34.58
C ARG A 454 14.36 -11.45 -33.56
N LEU A 455 13.32 -12.12 -34.03
CA LEU A 455 12.21 -12.57 -33.20
C LEU A 455 12.59 -13.84 -32.45
N LEU A 456 11.73 -14.23 -31.50
CA LEU A 456 11.91 -15.49 -30.80
C LEU A 456 11.50 -16.68 -31.64
N THR A 457 10.59 -16.51 -32.60
CA THR A 457 10.15 -17.61 -33.44
C THR A 457 11.14 -17.96 -34.52
N SER A 458 12.20 -17.17 -34.69
CA SER A 458 13.29 -17.51 -35.59
C SER A 458 14.20 -18.60 -35.02
N PHE A 459 14.12 -18.88 -33.72
CA PHE A 459 15.00 -19.84 -33.09
C PHE A 459 14.21 -20.94 -32.39
N LEU A 460 13.01 -20.62 -31.93
CA LEU A 460 12.32 -21.57 -31.09
C LEU A 460 11.09 -22.14 -31.77
N PRO A 461 10.78 -23.42 -31.56
CA PRO A 461 9.46 -23.93 -31.94
C PRO A 461 8.37 -23.32 -31.08
N ALA A 462 7.13 -23.46 -31.55
CA ALA A 462 6.01 -22.74 -30.96
C ALA A 462 5.57 -23.30 -29.62
N GLN A 463 6.12 -24.43 -29.18
CA GLN A 463 5.81 -24.94 -27.85
C GLN A 463 6.75 -24.41 -26.78
N LEU A 464 7.84 -23.74 -27.17
CA LEU A 464 8.84 -23.28 -26.21
C LEU A 464 8.83 -21.77 -26.05
N LEU A 465 7.80 -21.08 -26.55
CA LEU A 465 7.77 -19.62 -26.42
C LEU A 465 7.36 -19.19 -25.03
N ARG A 466 6.37 -19.85 -24.44
CA ARG A 466 5.93 -19.53 -23.10
C ARG A 466 6.95 -19.91 -22.05
N LEU A 467 7.73 -20.96 -22.32
CA LEU A 467 8.77 -21.38 -21.39
C LEU A 467 9.94 -20.41 -21.40
N TYR A 468 10.25 -19.82 -22.55
CA TYR A 468 11.32 -18.85 -22.65
C TYR A 468 10.90 -17.47 -22.19
N GLN A 469 9.61 -17.12 -22.31
CA GLN A 469 9.14 -15.84 -21.80
C GLN A 469 9.17 -15.80 -20.28
N LEU A 470 8.92 -16.94 -19.63
CA LEU A 470 9.02 -17.00 -18.18
C LEU A 470 10.46 -16.92 -17.72
N MET A 471 11.39 -17.45 -18.50
CA MET A 471 12.80 -17.39 -18.13
C MET A 471 13.37 -16.00 -18.35
N LEU A 472 12.98 -15.32 -19.43
CA LEU A 472 13.58 -14.02 -19.72
C LEU A 472 13.07 -12.92 -18.81
N PHE A 473 11.95 -13.11 -18.12
CA PHE A 473 11.45 -12.09 -17.20
C PHE A 473 11.92 -12.30 -15.77
N THR A 474 12.52 -13.44 -15.46
CA THR A 474 12.88 -13.78 -14.08
C THR A 474 14.37 -14.01 -13.88
N LEU A 475 15.19 -13.62 -14.82
CA LEU A 475 16.64 -13.72 -14.74
C LEU A 475 17.23 -12.36 -14.39
N PRO A 476 18.41 -12.28 -13.75
CA PRO A 476 18.90 -10.98 -13.24
C PRO A 476 19.48 -10.03 -14.28
N GLY A 477 18.61 -9.35 -15.02
CA GLY A 477 19.09 -8.43 -16.01
C GLY A 477 17.96 -7.65 -16.66
N THR A 478 18.24 -7.08 -17.82
CA THR A 478 17.22 -6.39 -18.58
C THR A 478 16.75 -7.30 -19.70
N PRO A 479 15.46 -7.65 -19.77
CA PRO A 479 14.98 -8.41 -20.93
C PRO A 479 14.72 -7.49 -22.11
N VAL A 480 15.14 -7.93 -23.29
CA VAL A 480 15.00 -7.15 -24.52
C VAL A 480 14.24 -8.00 -25.53
N PHE A 481 13.13 -7.47 -26.03
CA PHE A 481 12.29 -8.18 -26.98
C PHE A 481 12.13 -7.35 -28.25
N SER A 482 11.69 -8.02 -29.31
CA SER A 482 11.31 -7.36 -30.54
C SER A 482 9.79 -7.23 -30.62
N TYR A 483 9.33 -6.47 -31.60
CA TYR A 483 7.89 -6.30 -31.76
C TYR A 483 7.27 -7.57 -32.31
N GLY A 484 6.15 -7.97 -31.71
CA GLY A 484 5.50 -9.20 -32.08
C GLY A 484 5.89 -10.39 -31.24
N ASP A 485 6.82 -10.24 -30.31
CA ASP A 485 7.22 -11.34 -29.45
C ASP A 485 6.15 -11.68 -28.42
N GLU A 486 5.28 -10.73 -28.09
CA GLU A 486 4.22 -10.99 -27.14
C GLU A 486 3.05 -11.76 -27.74
N ILE A 487 2.84 -11.64 -29.06
CA ILE A 487 1.80 -12.41 -29.73
C ILE A 487 2.34 -13.62 -30.47
N GLY A 488 3.65 -13.87 -30.37
CA GLY A 488 4.25 -14.97 -31.09
C GLY A 488 4.28 -14.78 -32.58
N LEU A 489 4.73 -13.61 -33.04
CA LEU A 489 4.74 -13.31 -34.47
C LEU A 489 5.71 -14.21 -35.21
N ASP A 490 5.28 -14.71 -36.36
CA ASP A 490 6.03 -15.70 -37.12
C ASP A 490 6.07 -15.26 -38.57
N ALA A 491 7.26 -15.04 -39.10
CA ALA A 491 7.41 -14.66 -40.50
C ALA A 491 7.40 -15.85 -41.44
N ALA A 492 7.39 -17.08 -40.92
CA ALA A 492 7.31 -18.29 -41.73
C ALA A 492 5.93 -18.91 -41.71
N ALA A 493 4.92 -18.18 -41.24
CA ALA A 493 3.55 -18.63 -41.25
C ALA A 493 2.71 -17.92 -42.30
N LEU A 494 3.21 -16.85 -42.89
CA LEU A 494 2.49 -16.09 -43.89
C LEU A 494 3.41 -15.92 -45.10
N PRO A 495 2.94 -16.22 -46.31
CA PRO A 495 3.80 -16.08 -47.49
C PRO A 495 3.94 -14.64 -47.93
N GLY A 496 5.10 -14.33 -48.50
CA GLY A 496 5.35 -13.03 -49.07
C GLY A 496 5.67 -11.95 -48.06
N GLN A 497 6.49 -12.28 -47.07
CA GLN A 497 6.95 -11.31 -46.08
C GLN A 497 8.42 -11.55 -45.78
N PRO A 498 9.22 -10.48 -45.68
CA PRO A 498 10.61 -10.65 -45.28
C PRO A 498 10.71 -11.03 -43.81
N MET A 499 11.66 -11.91 -43.51
CA MET A 499 11.82 -12.38 -42.14
C MET A 499 12.47 -11.33 -41.26
N GLU A 500 13.26 -10.41 -41.83
CA GLU A 500 13.84 -9.34 -41.04
C GLU A 500 12.85 -8.24 -40.72
N ALA A 501 11.68 -8.23 -41.35
CA ALA A 501 10.65 -7.26 -41.05
C ALA A 501 9.26 -7.81 -41.34
N PRO A 502 8.70 -8.64 -40.46
CA PRO A 502 7.33 -9.14 -40.69
C PRO A 502 6.31 -8.07 -40.36
N VAL A 503 5.03 -8.32 -40.68
CA VAL A 503 3.98 -7.33 -40.52
C VAL A 503 3.27 -7.61 -39.19
N MET A 504 3.09 -6.57 -38.40
CA MET A 504 2.43 -6.71 -37.10
C MET A 504 0.93 -6.88 -37.31
N LEU A 505 0.39 -8.00 -36.83
CA LEU A 505 -1.02 -8.33 -37.00
C LEU A 505 -1.81 -7.70 -35.87
N TRP A 506 -2.24 -6.46 -36.09
CA TRP A 506 -3.07 -5.77 -35.10
C TRP A 506 -4.48 -6.34 -35.08
N ASP A 507 -5.09 -6.44 -36.26
CA ASP A 507 -6.48 -6.88 -36.39
C ASP A 507 -6.56 -7.87 -37.56
N GLU A 508 -7.79 -8.19 -37.96
CA GLU A 508 -8.02 -9.16 -39.02
C GLU A 508 -7.81 -8.58 -40.41
N SER A 509 -7.68 -7.27 -40.53
CA SER A 509 -7.48 -6.60 -41.81
C SER A 509 -6.05 -6.12 -42.01
N SER A 510 -5.10 -6.62 -41.22
CA SER A 510 -3.75 -6.06 -41.23
C SER A 510 -2.98 -6.49 -42.48
N PHE A 511 -3.06 -7.76 -42.83
CA PHE A 511 -2.36 -8.26 -44.00
C PHE A 511 -3.30 -8.29 -45.20
N PRO A 512 -3.12 -7.41 -46.19
CA PRO A 512 -4.16 -7.25 -47.22
C PRO A 512 -4.21 -8.39 -48.24
N ASP A 513 -3.06 -8.93 -48.62
CA ASP A 513 -3.03 -10.05 -49.54
C ASP A 513 -3.62 -11.28 -48.89
N ILE A 514 -4.22 -12.14 -49.71
CA ILE A 514 -4.84 -13.43 -49.34
C ILE A 514 -5.82 -13.25 -48.18
N PRO A 515 -7.03 -12.75 -48.44
CA PRO A 515 -7.91 -12.34 -47.33
C PRO A 515 -8.54 -13.50 -46.59
N GLY A 516 -7.85 -14.01 -45.57
CA GLY A 516 -8.32 -15.19 -44.85
C GLY A 516 -7.20 -16.06 -44.33
N ALA A 517 -5.96 -15.72 -44.70
CA ALA A 517 -4.80 -16.42 -44.15
C ALA A 517 -4.56 -16.08 -42.68
N VAL A 518 -4.94 -14.88 -42.26
CA VAL A 518 -4.77 -14.45 -40.88
C VAL A 518 -6.00 -14.89 -40.08
N SER A 519 -5.75 -15.55 -38.96
CA SER A 519 -6.80 -16.05 -38.08
C SER A 519 -7.11 -15.01 -37.00
N ALA A 520 -7.91 -15.41 -36.02
CA ALA A 520 -8.27 -14.53 -34.93
C ALA A 520 -7.36 -14.66 -33.71
N ASN A 521 -6.77 -15.83 -33.49
CA ASN A 521 -5.84 -16.03 -32.39
C ASN A 521 -4.41 -15.61 -32.75
N MET A 522 -4.22 -15.03 -33.93
CA MET A 522 -2.91 -14.55 -34.36
C MET A 522 -2.85 -13.02 -34.38
N THR A 523 -3.82 -12.34 -33.79
CA THR A 523 -3.91 -10.90 -33.83
C THR A 523 -3.75 -10.32 -32.42
N VAL A 524 -3.66 -9.00 -32.34
CA VAL A 524 -3.53 -8.36 -31.04
C VAL A 524 -4.87 -8.34 -30.32
N LYS A 525 -5.92 -7.85 -30.99
CA LYS A 525 -7.23 -7.74 -30.34
C LYS A 525 -7.90 -9.09 -30.19
N GLY A 526 -7.51 -10.07 -31.00
CA GLY A 526 -8.00 -11.42 -30.79
C GLY A 526 -7.33 -12.15 -29.65
N GLN A 527 -6.16 -11.68 -29.22
CA GLN A 527 -5.44 -12.29 -28.10
C GLN A 527 -5.56 -11.48 -26.82
N SER A 528 -6.03 -10.24 -26.89
CA SER A 528 -6.29 -9.44 -25.71
C SER A 528 -7.58 -9.84 -25.00
N GLU A 529 -8.37 -10.73 -25.60
CA GLU A 529 -9.60 -11.22 -25.02
C GLU A 529 -9.46 -12.55 -24.30
N ASP A 530 -8.55 -13.39 -24.76
CA ASP A 530 -8.33 -14.70 -24.17
C ASP A 530 -7.53 -14.57 -22.88
N PRO A 531 -8.03 -15.08 -21.75
CA PRO A 531 -7.23 -15.08 -20.52
C PRO A 531 -6.21 -16.21 -20.43
N GLY A 532 -6.05 -17.01 -21.48
CA GLY A 532 -5.02 -18.03 -21.50
C GLY A 532 -4.19 -17.94 -22.76
N SER A 533 -4.01 -16.72 -23.26
CA SER A 533 -3.32 -16.46 -24.52
C SER A 533 -1.82 -16.34 -24.29
N LEU A 534 -1.11 -15.85 -25.29
CA LEU A 534 0.30 -15.56 -25.18
C LEU A 534 0.55 -14.13 -24.72
N LEU A 535 -0.24 -13.17 -25.21
CA LEU A 535 -0.15 -11.79 -24.75
C LEU A 535 -0.61 -11.64 -23.30
N SER A 536 -1.55 -12.47 -22.87
CA SER A 536 -2.01 -12.46 -21.49
C SER A 536 -0.97 -12.98 -20.52
N LEU A 537 -0.02 -13.79 -21.00
CA LEU A 537 1.11 -14.20 -20.18
C LEU A 537 2.15 -13.11 -20.09
N PHE A 538 2.42 -12.45 -21.22
CA PHE A 538 3.36 -11.34 -21.28
C PHE A 538 2.95 -10.20 -20.36
N ARG A 539 1.65 -9.88 -20.31
CA ARG A 539 1.20 -8.78 -19.45
C ARG A 539 1.33 -9.10 -17.97
N ARG A 540 1.02 -10.34 -17.57
CA ARG A 540 1.17 -10.74 -16.18
C ARG A 540 2.63 -10.76 -15.75
N LEU A 541 3.51 -11.32 -16.60
CA LEU A 541 4.92 -11.38 -16.27
C LEU A 541 5.58 -10.01 -16.25
N SER A 542 5.21 -9.14 -17.19
CA SER A 542 5.75 -7.79 -17.21
C SER A 542 5.22 -6.93 -16.08
N ASP A 543 4.02 -7.23 -15.57
CA ASP A 543 3.54 -6.57 -14.36
C ASP A 543 4.26 -7.08 -13.12
N GLN A 544 4.57 -8.38 -13.07
CA GLN A 544 5.27 -8.92 -11.91
C GLN A 544 6.73 -8.48 -11.86
N ARG A 545 7.38 -8.31 -13.01
CA ARG A 545 8.80 -7.97 -13.03
C ARG A 545 9.05 -6.54 -12.56
N SER A 546 8.25 -5.59 -13.02
CA SER A 546 8.47 -4.18 -12.73
C SER A 546 7.97 -3.75 -11.37
N LYS A 547 7.49 -4.67 -10.54
CA LYS A 547 6.86 -4.35 -9.27
C LYS A 547 7.58 -4.94 -8.07
N GLU A 548 7.91 -6.23 -8.12
CA GLU A 548 8.43 -6.92 -6.94
C GLU A 548 9.93 -6.72 -6.80
N ARG A 549 10.37 -6.43 -5.57
CA ARG A 549 11.77 -6.14 -5.28
C ARG A 549 12.68 -7.34 -5.40
N SER A 550 12.15 -8.56 -5.31
CA SER A 550 12.99 -9.74 -5.48
C SER A 550 13.27 -10.04 -6.95
N LEU A 551 12.48 -9.48 -7.86
CA LEU A 551 12.77 -9.57 -9.28
C LEU A 551 13.43 -8.33 -9.83
N LEU A 552 13.37 -7.21 -9.11
CA LEU A 552 14.02 -6.00 -9.57
C LEU A 552 15.52 -6.06 -9.32
N HIS A 553 15.93 -6.29 -8.08
CA HIS A 553 17.35 -6.39 -7.76
C HIS A 553 17.61 -7.52 -6.78
N GLY A 554 16.97 -8.66 -7.00
CA GLY A 554 17.19 -9.81 -6.15
C GLY A 554 18.48 -10.52 -6.48
N ASP A 555 18.71 -11.63 -5.77
CA ASP A 555 19.91 -12.43 -5.92
C ASP A 555 19.55 -13.75 -6.57
N PHE A 556 20.42 -14.23 -7.45
CA PHE A 556 20.16 -15.42 -8.25
C PHE A 556 20.77 -16.63 -7.58
N HIS A 557 20.01 -17.71 -7.47
CA HIS A 557 20.60 -18.98 -7.06
C HIS A 557 19.90 -20.11 -7.78
N ALA A 558 20.61 -20.78 -8.68
CA ALA A 558 20.10 -21.98 -9.33
C ALA A 558 20.55 -23.20 -8.55
N PHE A 559 19.71 -24.23 -8.54
CA PHE A 559 20.12 -25.44 -7.85
C PHE A 559 19.83 -26.67 -8.69
N SER A 560 20.40 -27.79 -8.24
CA SER A 560 20.33 -29.04 -8.99
C SER A 560 18.94 -29.66 -8.90
N ALA A 561 18.51 -30.27 -10.00
CA ALA A 561 17.18 -30.86 -10.08
C ALA A 561 17.28 -32.04 -11.04
N GLY A 562 16.12 -32.51 -11.52
CA GLY A 562 16.03 -33.68 -12.34
C GLY A 562 16.65 -33.56 -13.73
N PRO A 563 16.57 -34.63 -14.51
CA PRO A 563 17.22 -34.64 -15.83
C PRO A 563 16.45 -33.83 -16.88
N GLY A 564 16.70 -32.52 -16.93
CA GLY A 564 16.07 -31.68 -17.93
C GLY A 564 15.37 -30.48 -17.35
N LEU A 565 15.64 -30.17 -16.09
CA LEU A 565 15.01 -29.07 -15.39
C LEU A 565 15.98 -27.91 -15.22
N PHE A 566 15.41 -26.72 -15.06
CA PHE A 566 16.16 -25.52 -14.70
C PHE A 566 15.37 -24.85 -13.59
N SER A 567 15.93 -24.84 -12.39
CA SER A 567 15.22 -24.34 -11.21
C SER A 567 16.09 -23.33 -10.48
N TYR A 568 15.51 -22.17 -10.19
CA TYR A 568 16.27 -21.14 -9.51
C TYR A 568 15.37 -20.32 -8.61
N ILE A 569 16.01 -19.45 -7.82
CA ILE A 569 15.36 -18.70 -6.76
C ILE A 569 15.89 -17.27 -6.80
N ARG A 570 14.97 -16.30 -6.67
CA ARG A 570 15.31 -14.89 -6.47
C ARG A 570 14.87 -14.46 -5.08
N HIS A 571 15.73 -13.68 -4.41
CA HIS A 571 15.52 -13.28 -3.02
C HIS A 571 16.28 -11.98 -2.74
N TRP A 572 15.57 -10.91 -2.39
CA TRP A 572 16.32 -9.68 -2.16
C TRP A 572 16.84 -9.51 -0.73
N ASP A 573 15.98 -9.19 0.23
CA ASP A 573 16.45 -8.99 1.60
C ASP A 573 15.58 -9.72 2.61
N GLN A 574 14.33 -9.30 2.65
CA GLN A 574 13.29 -9.88 3.51
C GLN A 574 11.97 -9.90 2.77
N ASN A 575 11.96 -9.62 1.48
CA ASN A 575 10.75 -9.51 0.70
C ASN A 575 10.29 -10.90 0.25
N GLU A 576 9.26 -10.90 -0.57
CA GLU A 576 8.62 -12.13 -1.01
C GLU A 576 9.50 -12.84 -2.03
N ARG A 577 9.95 -14.04 -1.68
CA ARG A 577 10.89 -14.81 -2.51
C ARG A 577 10.17 -15.43 -3.71
N PHE A 578 10.96 -15.82 -4.71
CA PHE A 578 10.41 -16.41 -5.92
C PHE A 578 11.18 -17.66 -6.31
N LEU A 579 10.45 -18.67 -6.77
CA LEU A 579 11.02 -19.95 -7.19
C LEU A 579 10.49 -20.26 -8.58
N VAL A 580 11.38 -20.36 -9.56
CA VAL A 580 11.01 -20.61 -10.95
C VAL A 580 11.50 -21.99 -11.32
N VAL A 581 10.59 -22.80 -11.88
CA VAL A 581 10.86 -24.19 -12.24
C VAL A 581 10.50 -24.38 -13.70
N LEU A 582 11.47 -24.76 -14.52
CA LEU A 582 11.30 -24.82 -15.97
C LEU A 582 11.62 -26.23 -16.45
N ASN A 583 10.77 -26.78 -17.30
CA ASN A 583 10.92 -28.13 -17.84
C ASN A 583 11.07 -28.04 -19.36
N PHE A 584 12.32 -28.06 -19.83
CA PHE A 584 12.58 -27.96 -21.25
C PHE A 584 12.38 -29.28 -21.98
N GLY A 585 12.18 -30.38 -21.25
CA GLY A 585 12.09 -31.69 -21.85
C GLY A 585 10.80 -31.92 -22.60
N ASP A 586 10.74 -33.06 -23.28
CA ASP A 586 9.58 -33.42 -24.09
C ASP A 586 8.64 -34.37 -23.37
N VAL A 587 9.17 -35.19 -22.46
CA VAL A 587 8.33 -36.05 -21.63
C VAL A 587 8.29 -35.49 -20.22
N GLY A 588 7.22 -35.80 -19.49
CA GLY A 588 7.06 -35.29 -18.15
C GLY A 588 7.94 -36.02 -17.14
N LEU A 589 8.07 -35.39 -15.97
CA LEU A 589 8.89 -35.90 -14.88
C LEU A 589 8.53 -35.12 -13.63
N SER A 590 9.11 -35.55 -12.51
CA SER A 590 8.92 -34.89 -11.23
C SER A 590 9.90 -33.73 -11.07
N ALA A 591 9.81 -33.03 -9.95
CA ALA A 591 10.74 -31.93 -9.70
C ALA A 591 12.03 -32.43 -9.06
N GLY A 592 11.92 -33.01 -7.86
CA GLY A 592 13.08 -33.49 -7.15
C GLY A 592 13.99 -32.37 -6.69
N LEU A 593 13.42 -31.36 -6.05
CA LEU A 593 14.15 -30.14 -5.70
C LEU A 593 15.00 -30.39 -4.45
N GLN A 594 16.07 -31.15 -4.64
CA GLN A 594 17.07 -31.32 -3.58
C GLN A 594 17.86 -30.02 -3.50
N ALA A 595 17.52 -29.20 -2.51
CA ALA A 595 18.07 -27.84 -2.50
C ALA A 595 19.50 -27.83 -1.95
N SER A 596 19.63 -28.04 -0.64
CA SER A 596 20.88 -28.32 0.08
C SER A 596 22.03 -27.33 -0.12
N ASP A 597 21.81 -26.21 -0.81
CA ASP A 597 22.89 -25.37 -1.31
C ASP A 597 22.70 -23.89 -1.03
N LEU A 598 21.50 -23.45 -0.67
CA LEU A 598 21.23 -22.03 -0.54
C LEU A 598 21.56 -21.56 0.87
N PRO A 599 21.87 -20.28 1.06
CA PRO A 599 22.00 -19.74 2.41
C PRO A 599 20.68 -19.73 3.16
N ALA A 600 20.78 -19.50 4.47
CA ALA A 600 19.64 -19.66 5.37
C ALA A 600 18.56 -18.59 5.18
N SER A 601 18.88 -17.48 4.51
CA SER A 601 17.88 -16.46 4.26
C SER A 601 16.94 -16.80 3.11
N ALA A 602 17.21 -17.87 2.36
CA ALA A 602 16.39 -18.18 1.19
C ALA A 602 16.10 -19.67 1.02
N SER A 603 16.16 -20.47 2.08
CA SER A 603 15.95 -21.90 1.94
C SER A 603 14.48 -22.22 1.72
N LEU A 604 14.21 -23.44 1.21
CA LEU A 604 12.88 -23.81 0.79
C LEU A 604 11.98 -24.11 1.99
N PRO A 605 10.73 -23.67 1.96
CA PRO A 605 9.75 -24.14 2.94
C PRO A 605 9.20 -25.49 2.49
N ALA A 606 8.35 -26.07 3.33
CA ALA A 606 7.72 -27.33 2.98
C ALA A 606 6.58 -27.16 1.97
N LYS A 607 6.13 -25.93 1.73
CA LYS A 607 5.07 -25.67 0.78
C LYS A 607 5.21 -24.25 0.26
N ALA A 608 4.66 -24.00 -0.93
CA ALA A 608 4.73 -22.69 -1.57
C ALA A 608 3.47 -22.44 -2.37
N ASP A 609 3.23 -21.17 -2.69
CA ASP A 609 2.05 -20.77 -3.45
C ASP A 609 2.23 -21.11 -4.93
N LEU A 610 1.26 -20.72 -5.74
CA LEU A 610 1.38 -20.78 -7.18
C LEU A 610 0.90 -19.46 -7.75
N LEU A 611 1.79 -18.73 -8.41
CA LEU A 611 1.42 -17.45 -8.99
C LEU A 611 0.97 -17.56 -10.44
N LEU A 612 1.48 -18.55 -11.16
CA LEU A 612 1.35 -18.57 -12.61
C LEU A 612 1.78 -19.94 -13.11
N SER A 613 1.25 -20.33 -14.25
CA SER A 613 1.72 -21.50 -14.98
C SER A 613 1.48 -21.26 -16.46
N THR A 614 2.37 -21.80 -17.29
CA THR A 614 2.29 -21.56 -18.73
C THR A 614 1.29 -22.44 -19.43
N GLN A 615 0.67 -23.39 -18.72
CA GLN A 615 -0.32 -24.27 -19.33
C GLN A 615 -1.56 -24.34 -18.45
N PRO A 616 -2.74 -24.43 -19.05
CA PRO A 616 -3.96 -24.55 -18.24
C PRO A 616 -4.10 -25.94 -17.66
N GLY A 617 -4.73 -26.01 -16.50
CA GLY A 617 -4.88 -27.27 -15.81
C GLY A 617 -4.27 -27.26 -14.42
N ARG A 618 -4.23 -26.08 -13.79
CA ARG A 618 -3.74 -25.97 -12.42
C ARG A 618 -4.43 -24.80 -11.75
N GLU A 619 -4.55 -24.88 -10.42
CA GLU A 619 -5.25 -23.88 -9.62
C GLU A 619 -4.26 -22.80 -9.22
N GLU A 620 -4.40 -21.61 -9.81
CA GLU A 620 -3.44 -20.52 -9.63
C GLU A 620 -3.77 -19.77 -8.35
N GLY A 621 -3.02 -20.07 -7.30
CA GLY A 621 -3.19 -19.40 -6.03
C GLY A 621 -3.12 -20.35 -4.86
N SER A 622 -3.46 -21.61 -5.10
CA SER A 622 -3.54 -22.56 -4.00
C SER A 622 -2.17 -23.16 -3.71
N PRO A 623 -1.81 -23.32 -2.44
CA PRO A 623 -0.47 -23.79 -2.09
C PRO A 623 -0.21 -25.26 -2.39
N LEU A 624 0.80 -25.52 -3.22
CA LEU A 624 1.33 -26.87 -3.37
C LEU A 624 2.47 -27.07 -2.39
N GLU A 625 2.89 -28.33 -2.25
CA GLU A 625 4.05 -28.64 -1.43
C GLU A 625 5.15 -29.21 -2.32
N LEU A 626 6.38 -28.80 -2.05
CA LEU A 626 7.47 -28.95 -3.02
C LEU A 626 8.24 -30.25 -2.86
N GLU A 627 7.53 -31.38 -2.77
CA GLU A 627 8.15 -32.69 -2.91
C GLU A 627 7.38 -33.65 -3.82
N ARG A 628 6.07 -33.46 -4.01
CA ARG A 628 5.33 -34.20 -5.02
C ARG A 628 4.99 -33.32 -6.22
N LEU A 629 5.86 -32.36 -6.51
CA LEU A 629 5.67 -31.46 -7.65
C LEU A 629 5.94 -32.21 -8.94
N LYS A 630 4.99 -32.18 -9.86
CA LYS A 630 5.12 -32.87 -11.14
C LYS A 630 5.05 -31.85 -12.27
N LEU A 631 5.93 -32.02 -13.26
CA LEU A 631 5.99 -31.13 -14.41
C LEU A 631 5.59 -31.93 -15.65
N GLU A 632 4.51 -31.52 -16.29
CA GLU A 632 4.11 -32.08 -17.58
C GLU A 632 4.94 -31.40 -18.67
N PRO A 633 4.97 -31.95 -19.90
CA PRO A 633 5.84 -31.39 -20.95
C PRO A 633 5.70 -29.89 -21.24
N HIS A 634 6.86 -29.23 -21.32
CA HIS A 634 7.02 -27.81 -21.67
C HIS A 634 6.28 -26.89 -20.70
N GLU A 635 6.27 -27.26 -19.43
CA GLU A 635 5.57 -26.48 -18.42
C GLU A 635 6.57 -25.70 -17.56
N GLY A 636 6.15 -24.53 -17.15
CA GLY A 636 6.95 -23.72 -16.24
C GLY A 636 6.10 -23.18 -15.11
N LEU A 637 6.69 -23.09 -13.93
CA LEU A 637 5.98 -22.71 -12.72
C LEU A 637 6.70 -21.57 -12.02
N LEU A 638 5.91 -20.75 -11.33
CA LEU A 638 6.33 -19.48 -10.72
C LEU A 638 5.91 -19.45 -9.24
N LEU A 639 6.36 -20.45 -8.48
CA LEU A 639 5.94 -20.56 -7.09
C LEU A 639 6.56 -19.44 -6.23
N ARG A 640 6.01 -19.27 -5.03
CA ARG A 640 6.25 -18.08 -4.26
C ARG A 640 6.15 -18.39 -2.77
N PHE A 641 7.00 -17.77 -1.95
CA PHE A 641 7.06 -18.06 -0.53
C PHE A 641 7.71 -16.89 0.20
N PRO A 642 7.29 -16.60 1.42
CA PRO A 642 7.81 -15.42 2.14
C PRO A 642 9.01 -15.73 3.03
N TYR A 643 9.55 -14.66 3.61
CA TYR A 643 10.76 -14.70 4.43
C TYR A 643 10.44 -15.32 5.78
N ALA A 644 10.91 -16.54 5.99
CA ALA A 644 10.62 -17.29 7.21
C ALA A 644 11.83 -18.19 7.50
N ALA A 645 11.62 -19.17 8.38
CA ALA A 645 12.66 -20.15 8.69
C ALA A 645 12.82 -21.18 7.57
N VAL B 64 -18.28 15.85 46.79
CA VAL B 64 -17.22 15.26 45.99
C VAL B 64 -17.73 14.82 44.60
N THR B 65 -17.52 15.70 43.63
CA THR B 65 -17.97 15.49 42.26
C THR B 65 -16.77 15.58 41.32
N LEU B 66 -17.04 15.58 40.01
CA LEU B 66 -15.99 15.44 39.02
C LEU B 66 -15.33 16.77 38.62
N GLN B 67 -15.88 17.91 39.06
CA GLN B 67 -15.21 19.23 39.03
C GLN B 67 -14.85 19.65 37.60
N ARG B 68 -15.90 20.05 36.87
CA ARG B 68 -15.87 20.53 35.47
C ARG B 68 -14.68 21.43 35.14
N ASN B 69 -13.97 21.09 34.05
CA ASN B 69 -12.77 21.79 33.64
C ASN B 69 -12.71 22.12 32.15
N ILE B 70 -13.56 21.54 31.32
CA ILE B 70 -13.37 21.56 29.88
C ILE B 70 -13.94 22.85 29.30
N THR B 71 -13.12 23.57 28.56
CA THR B 71 -13.45 24.86 28.00
C THR B 71 -14.05 24.61 26.60
N LEU B 72 -14.25 25.66 25.81
CA LEU B 72 -14.68 25.48 24.43
C LEU B 72 -13.53 24.97 23.56
N LEU B 73 -12.34 25.56 23.72
CA LEU B 73 -11.19 25.17 22.92
C LEU B 73 -10.68 23.78 23.28
N ASN B 74 -10.84 23.36 24.54
CA ASN B 74 -10.49 22.00 24.91
C ASN B 74 -11.39 20.96 24.26
N GLY B 75 -12.66 21.29 24.02
CA GLY B 75 -13.54 20.39 23.30
C GLY B 75 -13.20 20.28 21.84
N VAL B 76 -12.82 21.42 21.23
CA VAL B 76 -12.34 21.44 19.85
C VAL B 76 -11.08 20.59 19.73
N ALA B 77 -10.19 20.69 20.72
CA ALA B 77 -9.01 19.86 20.77
C ALA B 77 -9.33 18.38 20.94
N ILE B 78 -10.33 18.05 21.77
CA ILE B 78 -10.71 16.65 21.98
C ILE B 78 -11.23 16.04 20.68
N ILE B 79 -12.11 16.77 19.98
CA ILE B 79 -12.70 16.23 18.75
C ILE B 79 -11.66 16.15 17.64
N VAL B 80 -10.85 17.20 17.46
CA VAL B 80 -9.83 17.20 16.42
C VAL B 80 -8.76 16.15 16.68
N GLY B 81 -8.28 16.06 17.93
CA GLY B 81 -7.25 15.10 18.26
C GLY B 81 -7.72 13.66 18.26
N THR B 82 -9.00 13.41 18.49
CA THR B 82 -9.48 12.04 18.41
C THR B 82 -9.81 11.64 16.97
N ILE B 83 -10.34 12.56 16.17
CA ILE B 83 -10.67 12.24 14.79
C ILE B 83 -9.41 12.08 13.94
N ILE B 84 -8.53 13.08 13.97
CA ILE B 84 -7.33 13.02 13.14
C ILE B 84 -6.31 12.12 13.80
N GLY B 85 -6.35 10.85 13.47
CA GLY B 85 -5.40 9.88 13.99
C GLY B 85 -4.59 9.24 12.90
N SER B 86 -4.90 7.98 12.60
CA SER B 86 -4.16 7.19 11.62
C SER B 86 -4.77 7.18 10.24
N GLY B 87 -6.08 7.47 10.13
CA GLY B 87 -6.81 7.17 8.90
C GLY B 87 -6.53 8.12 7.75
N ILE B 88 -5.80 9.20 7.99
CA ILE B 88 -5.43 10.09 6.89
C ILE B 88 -4.03 9.68 6.44
N PHE B 89 -3.49 8.64 7.05
CA PHE B 89 -2.13 8.21 6.74
C PHE B 89 -2.07 6.74 6.31
N VAL B 90 -3.00 5.95 6.83
CA VAL B 90 -3.07 4.53 6.50
C VAL B 90 -4.43 4.15 5.93
N THR B 91 -4.84 4.82 4.86
CA THR B 91 -6.13 4.51 4.25
C THR B 91 -6.39 5.26 2.94
N PRO B 92 -5.56 6.34 2.69
CA PRO B 92 -5.84 7.03 1.42
C PRO B 92 -5.61 6.14 0.19
N THR B 93 -5.53 4.83 0.39
CA THR B 93 -5.31 3.92 -0.71
C THR B 93 -6.55 3.06 -0.95
N GLY B 94 -7.07 2.47 0.12
CA GLY B 94 -8.26 1.66 0.02
C GLY B 94 -9.35 2.31 -0.81
N VAL B 95 -9.50 3.63 -0.70
CA VAL B 95 -10.50 4.31 -1.50
C VAL B 95 -10.04 4.41 -2.95
N LEU B 96 -8.73 4.37 -3.18
CA LEU B 96 -8.24 4.37 -4.56
C LEU B 96 -8.30 2.98 -5.17
N LYS B 97 -8.17 1.94 -4.35
CA LYS B 97 -8.17 0.59 -4.88
C LYS B 97 -9.58 0.03 -5.01
N GLU B 98 -10.57 0.61 -4.32
CA GLU B 98 -11.96 0.31 -4.66
C GLU B 98 -12.72 1.46 -5.29
N ALA B 99 -12.03 2.54 -5.67
CA ALA B 99 -12.69 3.58 -6.45
C ALA B 99 -12.01 3.77 -7.80
N GLY B 100 -10.76 3.36 -7.94
CA GLY B 100 -10.04 3.46 -9.20
C GLY B 100 -9.58 4.82 -9.63
N SER B 101 -10.50 5.76 -9.79
CA SER B 101 -10.12 7.06 -10.32
C SER B 101 -9.97 8.07 -9.20
N PRO B 102 -9.03 9.02 -9.34
CA PRO B 102 -8.80 10.01 -8.28
C PRO B 102 -9.92 11.03 -8.11
N GLY B 103 -10.88 11.14 -9.03
CA GLY B 103 -11.98 12.05 -8.81
C GLY B 103 -13.02 11.47 -7.86
N LEU B 104 -13.37 10.21 -8.06
CA LEU B 104 -14.39 9.56 -7.24
C LEU B 104 -13.89 9.29 -5.82
N ALA B 105 -12.58 9.18 -5.61
CA ALA B 105 -12.06 9.08 -4.25
C ALA B 105 -12.29 10.38 -3.48
N LEU B 106 -12.07 11.53 -4.13
CA LEU B 106 -12.37 12.82 -3.50
C LEU B 106 -13.87 12.97 -3.28
N VAL B 107 -14.68 12.41 -4.18
CA VAL B 107 -16.13 12.37 -4.00
C VAL B 107 -16.48 11.55 -2.75
N VAL B 108 -15.78 10.44 -2.53
CA VAL B 108 -16.03 9.58 -1.37
C VAL B 108 -15.68 10.30 -0.07
N TRP B 109 -14.53 10.98 -0.06
CA TRP B 109 -14.09 11.71 1.13
C TRP B 109 -15.05 12.85 1.46
N ALA B 110 -15.51 13.57 0.42
CA ALA B 110 -16.48 14.66 0.65
C ALA B 110 -17.83 14.13 1.13
N ALA B 111 -18.25 12.97 0.61
CA ALA B 111 -19.53 12.40 1.02
C ALA B 111 -19.49 11.94 2.46
N CYS B 112 -18.40 11.30 2.87
CA CYS B 112 -18.25 10.88 4.26
C CYS B 112 -18.15 12.09 5.19
N GLY B 113 -17.55 13.18 4.71
CA GLY B 113 -17.56 14.43 5.44
C GLY B 113 -18.94 15.01 5.68
N VAL B 114 -19.79 15.06 4.65
CA VAL B 114 -21.15 15.59 4.81
C VAL B 114 -21.97 14.69 5.74
N PHE B 115 -21.79 13.37 5.60
CA PHE B 115 -22.47 12.40 6.46
C PHE B 115 -22.11 12.61 7.93
N SER B 116 -20.81 12.76 8.22
CA SER B 116 -20.38 12.95 9.60
C SER B 116 -20.83 14.30 10.15
N ILE B 117 -20.91 15.33 9.29
CA ILE B 117 -21.34 16.65 9.74
C ILE B 117 -22.82 16.64 10.14
N VAL B 118 -23.67 16.01 9.33
CA VAL B 118 -25.09 16.02 9.65
C VAL B 118 -25.39 15.12 10.87
N GLY B 119 -24.65 14.01 11.03
CA GLY B 119 -24.82 13.20 12.21
C GLY B 119 -24.33 13.90 13.47
N ALA B 120 -23.29 14.72 13.32
CA ALA B 120 -22.76 15.47 14.46
C ALA B 120 -23.71 16.57 14.88
N LEU B 121 -24.41 17.17 13.92
CA LEU B 121 -25.39 18.19 14.29
C LEU B 121 -26.58 17.58 15.02
N CYS B 122 -27.02 16.40 14.59
CA CYS B 122 -28.07 15.68 15.33
C CYS B 122 -27.61 15.32 16.74
N TYR B 123 -26.37 14.88 16.89
CA TYR B 123 -25.88 14.56 18.24
C TYR B 123 -25.64 15.79 19.09
N ALA B 124 -25.34 16.93 18.46
CA ALA B 124 -25.18 18.17 19.22
C ALA B 124 -26.51 18.60 19.82
N GLU B 125 -27.59 18.49 19.04
CA GLU B 125 -28.88 18.91 19.59
C GLU B 125 -29.44 17.85 20.55
N LEU B 126 -29.06 16.58 20.37
CA LEU B 126 -29.32 15.56 21.40
C LEU B 126 -28.61 15.85 22.70
N GLY B 127 -27.33 16.22 22.63
CA GLY B 127 -26.56 16.44 23.84
C GLY B 127 -26.92 17.71 24.55
N THR B 128 -27.52 18.67 23.83
CA THR B 128 -28.11 19.80 24.53
C THR B 128 -29.50 19.49 25.07
N THR B 129 -30.24 18.56 24.45
CA THR B 129 -31.55 18.20 24.97
C THR B 129 -31.46 17.40 26.26
N ILE B 130 -30.72 16.28 26.24
CA ILE B 130 -30.73 15.39 27.39
C ILE B 130 -29.69 15.80 28.42
N SER B 131 -28.46 16.11 27.97
CA SER B 131 -27.39 16.73 28.77
C SER B 131 -26.94 15.87 29.94
N LYS B 132 -26.51 14.65 29.63
CA LYS B 132 -25.85 13.77 30.58
C LYS B 132 -24.65 13.12 29.91
N SER B 133 -23.68 12.73 30.74
CA SER B 133 -22.51 12.04 30.23
C SER B 133 -22.87 10.62 29.81
N GLY B 134 -21.94 9.98 29.12
CA GLY B 134 -22.25 8.71 28.49
C GLY B 134 -23.22 8.88 27.35
N GLY B 135 -22.95 9.83 26.44
CA GLY B 135 -23.82 10.01 25.29
C GLY B 135 -23.79 8.81 24.38
N ASP B 136 -24.92 8.61 23.68
CA ASP B 136 -25.31 7.47 22.83
C ASP B 136 -25.66 6.25 23.69
N TYR B 137 -25.43 6.34 24.99
CA TYR B 137 -25.83 5.35 25.98
C TYR B 137 -26.87 5.89 26.94
N ALA B 138 -26.66 7.12 27.43
CA ALA B 138 -27.67 7.79 28.23
C ALA B 138 -28.92 8.10 27.43
N TYR B 139 -28.79 8.34 26.12
CA TYR B 139 -29.95 8.61 25.28
C TYR B 139 -30.78 7.34 25.10
N MET B 140 -30.10 6.22 24.83
CA MET B 140 -30.77 4.93 24.75
C MET B 140 -31.34 4.50 26.10
N LEU B 141 -30.75 4.96 27.19
CA LEU B 141 -31.31 4.67 28.51
C LEU B 141 -32.57 5.47 28.77
N GLU B 142 -32.60 6.74 28.33
CA GLU B 142 -33.78 7.56 28.54
C GLU B 142 -34.91 7.19 27.58
N VAL B 143 -34.57 6.56 26.46
CA VAL B 143 -35.61 6.22 25.48
C VAL B 143 -36.03 4.75 25.61
N TYR B 144 -35.12 3.80 25.43
CA TYR B 144 -35.49 2.42 25.25
C TYR B 144 -35.44 1.58 26.53
N GLY B 145 -34.97 2.13 27.63
CA GLY B 145 -35.02 1.40 28.88
C GLY B 145 -33.66 0.93 29.35
N SER B 146 -33.66 -0.27 29.92
CA SER B 146 -32.49 -0.81 30.62
C SER B 146 -31.71 -1.83 29.81
N LEU B 147 -32.39 -2.81 29.21
CA LEU B 147 -31.72 -3.89 28.51
C LEU B 147 -30.98 -3.47 27.24
N PRO B 148 -31.54 -2.63 26.34
CA PRO B 148 -30.72 -2.20 25.19
C PRO B 148 -29.53 -1.33 25.57
N ALA B 149 -29.69 -0.51 26.61
CA ALA B 149 -28.60 0.30 27.12
C ALA B 149 -27.49 -0.57 27.70
N PHE B 150 -27.87 -1.65 28.38
CA PHE B 150 -26.84 -2.56 28.89
C PHE B 150 -26.15 -3.30 27.77
N LEU B 151 -26.88 -3.67 26.72
CA LEU B 151 -26.26 -4.44 25.64
C LEU B 151 -25.25 -3.58 24.88
N LYS B 152 -25.58 -2.31 24.66
CA LYS B 152 -24.63 -1.36 24.08
C LYS B 152 -23.41 -1.15 24.97
N LEU B 153 -23.64 -0.89 26.26
CA LEU B 153 -22.56 -0.70 27.23
C LEU B 153 -21.66 -1.93 27.33
N TRP B 154 -22.26 -3.11 27.28
CA TRP B 154 -21.54 -4.38 27.39
C TRP B 154 -20.61 -4.60 26.21
N ILE B 155 -21.12 -4.50 24.99
CA ILE B 155 -20.18 -4.76 23.90
C ILE B 155 -19.32 -3.54 23.57
N GLU B 156 -19.60 -2.38 24.18
CA GLU B 156 -18.67 -1.27 24.08
C GLU B 156 -17.57 -1.34 25.12
N LEU B 157 -17.79 -2.12 26.17
CA LEU B 157 -16.79 -2.34 27.20
C LEU B 157 -15.90 -3.54 26.82
N LEU B 158 -16.48 -4.53 26.12
CA LEU B 158 -15.75 -5.71 25.71
C LEU B 158 -14.89 -5.49 24.48
N ILE B 159 -15.43 -4.88 23.42
CA ILE B 159 -14.79 -4.98 22.11
C ILE B 159 -14.45 -3.61 21.51
N ILE B 160 -15.40 -2.68 21.52
CA ILE B 160 -15.31 -1.51 20.64
C ILE B 160 -14.22 -0.53 21.06
N ARG B 161 -14.19 -0.13 22.32
CA ARG B 161 -13.17 0.81 22.77
C ARG B 161 -11.76 0.20 22.93
N PRO B 162 -11.57 -1.00 23.58
CA PRO B 162 -10.19 -1.49 23.71
C PRO B 162 -9.53 -1.97 22.43
N SER B 163 -10.30 -2.21 21.38
CA SER B 163 -9.70 -2.53 20.08
C SER B 163 -9.27 -1.27 19.35
N SER B 164 -10.10 -0.22 19.41
CA SER B 164 -9.77 1.07 18.80
C SER B 164 -8.51 1.67 19.41
N GLN B 165 -8.42 1.67 20.74
CA GLN B 165 -7.28 2.29 21.41
C GLN B 165 -5.99 1.51 21.13
N TYR B 166 -6.09 0.18 21.08
CA TYR B 166 -4.91 -0.63 20.82
C TYR B 166 -4.43 -0.49 19.39
N ILE B 167 -5.37 -0.38 18.44
CA ILE B 167 -5.00 -0.23 17.04
C ILE B 167 -4.29 1.10 16.79
N VAL B 168 -4.80 2.17 17.41
CA VAL B 168 -4.16 3.48 17.25
C VAL B 168 -2.80 3.53 17.96
N ALA B 169 -2.68 2.85 19.10
CA ALA B 169 -1.39 2.79 19.79
C ALA B 169 -0.36 1.98 18.99
N LEU B 170 -0.82 0.92 18.33
CA LEU B 170 0.08 0.13 17.49
C LEU B 170 0.54 0.90 16.26
N VAL B 171 -0.34 1.72 15.68
CA VAL B 171 0.07 2.53 14.53
C VAL B 171 1.07 3.60 14.96
N PHE B 172 0.88 4.16 16.16
CA PHE B 172 1.86 5.07 16.76
C PHE B 172 3.23 4.41 16.88
N ALA B 173 3.27 3.17 17.39
CA ALA B 173 4.53 2.50 17.63
C ALA B 173 5.24 2.14 16.33
N THR B 174 4.47 1.68 15.35
CA THR B 174 5.04 1.33 14.04
C THR B 174 5.62 2.55 13.34
N TYR B 175 4.88 3.65 13.30
CA TYR B 175 5.42 4.80 12.58
C TYR B 175 6.41 5.59 13.43
N LEU B 176 6.54 5.28 14.71
CA LEU B 176 7.66 5.82 15.47
C LEU B 176 8.93 5.04 15.20
N LEU B 177 8.84 3.72 15.13
CA LEU B 177 10.03 2.90 14.87
C LEU B 177 10.36 2.77 13.40
N LYS B 178 9.57 3.40 12.50
CA LYS B 178 9.86 3.33 11.07
C LYS B 178 11.21 3.92 10.63
N PRO B 179 11.68 5.08 11.14
CA PRO B 179 13.00 5.57 10.66
C PRO B 179 14.20 4.71 11.04
N LEU B 180 14.06 3.72 11.92
CA LEU B 180 15.16 2.80 12.18
C LEU B 180 15.16 1.66 11.19
N PHE B 181 14.04 1.46 10.50
CA PHE B 181 13.85 0.39 9.53
C PHE B 181 13.21 0.94 8.28
N PRO B 182 13.99 1.58 7.39
CA PRO B 182 13.41 2.45 6.36
C PRO B 182 12.64 1.74 5.25
N THR B 183 13.22 0.68 4.66
CA THR B 183 12.53 -0.12 3.65
C THR B 183 12.60 -1.56 4.14
N CYS B 184 11.74 -1.89 5.08
CA CYS B 184 11.69 -3.23 5.62
C CYS B 184 10.53 -3.29 6.59
N PRO B 185 10.52 -4.33 7.42
CA PRO B 185 9.45 -4.48 8.39
C PRO B 185 9.94 -4.28 9.82
N VAL B 186 9.12 -3.61 10.61
CA VAL B 186 9.44 -3.38 12.03
C VAL B 186 9.15 -4.65 12.81
N PRO B 187 10.03 -5.09 13.72
CA PRO B 187 9.76 -6.31 14.50
C PRO B 187 8.54 -6.16 15.39
N GLU B 188 7.71 -7.20 15.42
CA GLU B 188 6.36 -7.10 15.95
C GLU B 188 6.31 -7.03 17.47
N GLU B 189 7.21 -7.75 18.17
CA GLU B 189 7.24 -7.66 19.62
C GLU B 189 8.00 -6.45 20.12
N ALA B 190 8.60 -5.67 19.24
CA ALA B 190 9.14 -4.36 19.61
C ALA B 190 8.12 -3.25 19.44
N ALA B 191 7.20 -3.39 18.49
CA ALA B 191 6.12 -2.44 18.33
C ALA B 191 4.97 -2.71 19.29
N LYS B 192 4.70 -3.97 19.60
CA LYS B 192 3.71 -4.33 20.60
C LYS B 192 4.08 -3.80 21.97
N LEU B 193 5.36 -3.86 22.32
CA LEU B 193 5.83 -3.49 23.63
C LEU B 193 5.96 -1.97 23.79
N VAL B 194 5.81 -1.21 22.72
CA VAL B 194 5.85 0.26 22.77
C VAL B 194 4.41 0.75 22.73
N ALA B 195 3.55 0.02 22.01
CA ALA B 195 2.11 0.23 22.10
C ALA B 195 1.58 0.02 23.50
N CYS B 196 2.12 -0.96 24.23
CA CYS B 196 1.73 -1.15 25.62
C CYS B 196 2.39 -0.16 26.58
N LEU B 197 3.37 0.61 26.13
CA LEU B 197 3.93 1.68 26.95
C LEU B 197 3.18 2.98 26.79
N CYS B 198 2.69 3.25 25.59
CA CYS B 198 1.91 4.47 25.33
C CYS B 198 0.64 4.51 26.15
N VAL B 199 -0.11 3.40 26.19
CA VAL B 199 -1.35 3.32 26.95
C VAL B 199 -1.06 3.43 28.44
N LEU B 200 -0.04 2.73 28.93
CA LEU B 200 0.30 2.75 30.35
C LEU B 200 0.83 4.09 30.81
N LEU B 201 1.43 4.89 29.94
CA LEU B 201 1.81 6.23 30.32
C LEU B 201 0.65 7.20 30.30
N LEU B 202 -0.23 7.12 29.29
CA LEU B 202 -1.36 8.03 29.24
C LEU B 202 -2.41 7.73 30.30
N THR B 203 -2.55 6.47 30.72
CA THR B 203 -3.47 6.16 31.81
C THR B 203 -2.94 6.60 33.15
N ALA B 204 -1.64 6.86 33.26
CA ALA B 204 -1.09 7.38 34.51
C ALA B 204 -1.07 8.89 34.51
N VAL B 205 -0.96 9.49 33.33
CA VAL B 205 -1.11 10.94 33.21
C VAL B 205 -2.55 11.33 33.48
N ASN B 206 -3.51 10.55 32.98
CA ASN B 206 -4.93 10.85 33.21
C ASN B 206 -5.35 10.61 34.65
N CYS B 207 -4.74 9.63 35.32
CA CYS B 207 -5.03 9.39 36.74
C CYS B 207 -4.46 10.46 37.65
N TYR B 208 -3.47 11.22 37.19
CA TYR B 208 -2.88 12.26 38.02
C TYR B 208 -3.76 13.49 38.09
N SER B 209 -4.15 14.02 36.94
CA SER B 209 -4.93 15.26 36.90
C SER B 209 -5.79 15.28 35.64
N VAL B 210 -6.77 16.18 35.64
CA VAL B 210 -7.61 16.33 34.46
C VAL B 210 -7.04 17.39 33.53
N LYS B 211 -6.50 18.47 34.08
CA LYS B 211 -6.01 19.54 33.22
C LYS B 211 -4.68 19.21 32.57
N ALA B 212 -3.88 18.33 33.17
CA ALA B 212 -2.72 17.78 32.48
C ALA B 212 -3.15 16.96 31.26
N ALA B 213 -4.19 16.16 31.42
CA ALA B 213 -4.74 15.36 30.32
C ALA B 213 -5.39 16.22 29.24
N THR B 214 -5.88 17.41 29.57
CA THR B 214 -6.34 18.32 28.54
C THR B 214 -5.23 19.17 27.93
N ARG B 215 -4.09 19.29 28.60
CA ARG B 215 -2.96 19.99 28.01
C ARG B 215 -2.20 19.11 27.02
N VAL B 216 -2.11 17.80 27.32
CA VAL B 216 -1.57 16.84 26.36
C VAL B 216 -2.39 16.86 25.07
N GLN B 217 -3.72 16.92 25.20
CA GLN B 217 -4.61 16.80 24.06
C GLN B 217 -4.49 17.98 23.10
N ASP B 218 -4.44 19.22 23.60
CA ASP B 218 -4.33 20.33 22.66
C ASP B 218 -2.90 20.61 22.22
N ALA B 219 -1.88 20.19 22.99
CA ALA B 219 -0.52 20.22 22.43
C ALA B 219 -0.40 19.27 21.23
N PHE B 220 -0.90 18.05 21.35
CA PHE B 220 -0.80 17.14 20.22
C PHE B 220 -1.82 17.45 19.12
N ALA B 221 -2.93 18.12 19.44
CA ALA B 221 -3.81 18.64 18.40
C ALA B 221 -3.18 19.78 17.61
N ALA B 222 -2.36 20.61 18.25
CA ALA B 222 -1.58 21.58 17.49
C ALA B 222 -0.51 20.91 16.64
N ALA B 223 0.12 19.86 17.16
CA ALA B 223 1.11 19.13 16.39
C ALA B 223 0.53 18.43 15.15
N LYS B 224 -0.69 17.89 15.25
CA LYS B 224 -1.35 17.28 14.09
C LYS B 224 -1.57 18.29 12.98
N LEU B 225 -2.07 19.48 13.33
CA LEU B 225 -2.35 20.50 12.32
C LEU B 225 -1.07 21.06 11.73
N LEU B 226 -0.01 21.23 12.53
CA LEU B 226 1.25 21.66 11.94
C LEU B 226 1.92 20.57 11.12
N ALA B 227 1.59 19.30 11.35
CA ALA B 227 2.11 18.23 10.53
C ALA B 227 1.32 18.03 9.23
N LEU B 228 0.04 18.39 9.22
CA LEU B 228 -0.75 18.30 7.99
C LEU B 228 -0.62 19.55 7.12
N ALA B 229 -0.44 20.72 7.73
CA ALA B 229 -0.24 21.95 6.96
C ALA B 229 1.06 21.93 6.17
N LEU B 230 2.10 21.27 6.68
CA LEU B 230 3.35 21.12 5.95
C LEU B 230 3.16 20.26 4.70
N ILE B 231 2.36 19.19 4.80
CA ILE B 231 2.06 18.35 3.64
C ILE B 231 1.24 19.12 2.61
N ILE B 232 0.28 19.94 3.08
CA ILE B 232 -0.54 20.73 2.16
C ILE B 232 0.29 21.78 1.44
N LEU B 233 1.19 22.48 2.16
CA LEU B 233 2.01 23.49 1.48
C LEU B 233 3.12 22.87 0.65
N LEU B 234 3.52 21.62 0.96
CA LEU B 234 4.41 20.91 0.04
C LEU B 234 3.69 20.54 -1.25
N GLY B 235 2.41 20.21 -1.18
CA GLY B 235 1.65 19.99 -2.40
C GLY B 235 1.37 21.24 -3.21
N PHE B 236 1.17 22.38 -2.53
CA PHE B 236 0.93 23.64 -3.25
C PHE B 236 2.14 24.12 -4.03
N VAL B 237 3.36 23.87 -3.55
CA VAL B 237 4.54 24.20 -4.35
C VAL B 237 4.87 23.13 -5.37
N GLN B 238 4.25 21.96 -5.27
CA GLN B 238 4.35 20.97 -6.34
C GLN B 238 3.44 21.31 -7.50
N ILE B 239 2.24 21.83 -7.21
CA ILE B 239 1.39 22.33 -8.29
C ILE B 239 1.86 23.72 -8.74
N GLY B 240 2.71 24.35 -7.94
CA GLY B 240 3.22 25.67 -8.26
C GLY B 240 4.34 25.70 -9.28
N LYS B 241 4.90 24.54 -9.62
CA LYS B 241 6.00 24.45 -10.57
C LYS B 241 5.54 23.87 -11.90
N GLY B 242 4.22 23.77 -12.08
CA GLY B 242 3.64 23.47 -13.38
C GLY B 242 3.89 22.09 -13.97
N ASP B 243 3.51 21.04 -13.24
CA ASP B 243 3.57 19.68 -13.76
C ASP B 243 2.37 18.91 -13.21
N VAL B 244 1.79 18.06 -14.05
CA VAL B 244 0.54 17.40 -13.70
C VAL B 244 0.60 15.88 -13.85
N SER B 245 0.96 15.20 -12.76
CA SER B 245 0.83 13.74 -12.74
C SER B 245 -0.61 13.30 -12.59
N ASN B 246 -1.41 14.00 -11.80
CA ASN B 246 -2.84 13.74 -11.68
C ASN B 246 -3.57 15.08 -11.61
N LEU B 247 -4.84 15.06 -11.19
CA LEU B 247 -5.70 16.22 -11.04
C LEU B 247 -5.85 17.02 -12.33
N ASP B 248 -5.86 16.35 -13.48
CA ASP B 248 -6.09 17.02 -14.73
C ASP B 248 -7.58 17.39 -14.85
N PRO B 249 -7.93 18.36 -15.72
CA PRO B 249 -9.35 18.65 -15.95
C PRO B 249 -10.14 17.48 -16.54
N ASN B 250 -9.69 16.93 -17.67
CA ASN B 250 -10.46 15.88 -18.32
C ASN B 250 -9.82 14.52 -18.05
N PHE B 251 -8.62 14.50 -17.50
CA PHE B 251 -7.95 13.23 -17.26
C PHE B 251 -7.86 13.05 -15.76
N SER B 252 -8.99 12.71 -15.12
CA SER B 252 -9.01 12.45 -13.70
C SER B 252 -10.00 11.32 -13.40
N PHE B 253 -10.72 10.87 -14.42
CA PHE B 253 -11.78 9.90 -14.25
C PHE B 253 -11.54 8.59 -14.97
N GLU B 254 -10.34 8.37 -15.52
CA GLU B 254 -10.03 7.12 -16.21
C GLU B 254 -9.93 6.00 -15.19
N GLY B 255 -10.82 5.01 -15.30
CA GLY B 255 -10.94 3.98 -14.30
C GLY B 255 -11.89 4.35 -13.18
N THR B 256 -12.94 5.10 -13.46
CA THR B 256 -13.96 5.34 -12.45
C THR B 256 -14.79 4.08 -12.32
N LYS B 257 -14.51 3.29 -11.29
CA LYS B 257 -15.23 2.05 -11.05
C LYS B 257 -16.72 2.31 -10.81
N LEU B 258 -17.54 1.93 -11.78
CA LEU B 258 -18.99 2.13 -11.68
C LEU B 258 -19.65 0.94 -10.99
N ASP B 259 -20.91 0.70 -11.33
CA ASP B 259 -21.66 -0.40 -10.74
C ASP B 259 -22.13 -0.07 -9.33
N VAL B 260 -21.33 0.74 -8.64
CA VAL B 260 -21.66 1.14 -7.26
C VAL B 260 -21.56 -0.05 -6.31
N GLY B 261 -21.67 -1.25 -6.86
CA GLY B 261 -21.61 -2.47 -6.06
C GLY B 261 -20.28 -2.57 -5.33
N ASN B 262 -19.22 -2.07 -5.96
CA ASN B 262 -17.90 -2.09 -5.37
C ASN B 262 -17.65 -0.81 -4.60
N ILE B 263 -18.46 0.21 -4.90
CA ILE B 263 -18.35 1.52 -4.27
C ILE B 263 -18.68 1.49 -2.78
N VAL B 264 -19.84 0.92 -2.45
CA VAL B 264 -20.29 0.81 -1.06
C VAL B 264 -19.14 0.39 -0.17
N LEU B 265 -18.39 -0.61 -0.63
CA LEU B 265 -17.24 -1.08 0.13
C LEU B 265 -16.33 0.11 0.36
N ALA B 266 -16.25 1.00 -0.63
CA ALA B 266 -15.42 2.19 -0.53
C ALA B 266 -15.95 3.13 0.54
N LEU B 267 -17.20 3.54 0.40
CA LEU B 267 -17.82 4.44 1.37
C LEU B 267 -17.59 3.85 2.76
N TYR B 268 -17.41 2.54 2.81
CA TYR B 268 -17.19 1.85 4.07
C TYR B 268 -15.74 1.97 4.53
N SER B 269 -14.86 2.33 3.59
CA SER B 269 -13.45 2.48 3.91
C SER B 269 -13.10 3.91 4.28
N GLY B 270 -13.77 4.90 3.69
CA GLY B 270 -13.49 6.27 4.01
C GLY B 270 -14.12 6.78 5.29
N LEU B 271 -14.98 5.99 5.93
CA LEU B 271 -15.61 6.39 7.17
C LEU B 271 -14.82 5.98 8.40
N PHE B 272 -13.75 5.19 8.23
CA PHE B 272 -12.89 4.87 9.35
C PHE B 272 -12.11 6.09 9.82
N ALA B 273 -11.76 6.97 8.88
CA ALA B 273 -10.98 8.15 9.22
C ALA B 273 -11.82 9.26 9.82
N TYR B 274 -13.14 9.14 9.80
CA TYR B 274 -14.01 10.15 10.38
C TYR B 274 -14.57 9.75 11.73
N GLY B 275 -14.26 8.54 12.21
CA GLY B 275 -14.85 8.07 13.46
C GLY B 275 -14.29 8.80 14.66
N GLY B 276 -15.13 8.94 15.67
CA GLY B 276 -14.79 9.71 16.85
C GLY B 276 -15.43 11.08 16.92
N TRP B 277 -16.38 11.38 16.04
CA TRP B 277 -17.05 12.68 16.07
C TRP B 277 -18.07 12.77 17.19
N ASN B 278 -18.50 11.65 17.74
CA ASN B 278 -19.50 11.60 18.79
C ASN B 278 -18.88 11.36 20.16
N TYR B 279 -17.66 11.86 20.38
CA TYR B 279 -16.94 11.59 21.60
C TYR B 279 -17.01 12.70 22.62
N LEU B 280 -17.32 13.93 22.20
CA LEU B 280 -17.57 15.00 23.16
C LEU B 280 -18.88 14.82 23.90
N ASN B 281 -19.79 14.00 23.36
CA ASN B 281 -21.05 13.71 24.04
C ASN B 281 -20.86 12.78 25.22
N PHE B 282 -19.72 12.08 25.31
CA PHE B 282 -19.41 11.26 26.46
C PHE B 282 -18.86 12.06 27.62
N VAL B 283 -18.54 13.34 27.41
CA VAL B 283 -17.73 14.04 28.39
C VAL B 283 -18.39 15.37 28.71
N THR B 284 -19.64 15.53 28.29
CA THR B 284 -20.48 16.57 28.86
C THR B 284 -20.82 16.20 30.31
N GLU B 285 -21.36 17.18 31.04
CA GLU B 285 -21.34 17.34 32.51
C GLU B 285 -19.94 17.61 33.03
N GLU B 286 -18.99 17.93 32.15
CA GLU B 286 -17.66 18.36 32.54
C GLU B 286 -17.22 19.58 31.74
N MET B 287 -18.08 20.11 30.88
CA MET B 287 -17.82 21.34 30.18
C MET B 287 -18.34 22.53 30.96
N ILE B 288 -17.69 23.67 30.77
CA ILE B 288 -18.21 24.91 31.35
C ILE B 288 -19.22 25.50 30.37
N ASN B 289 -20.46 25.67 30.84
CA ASN B 289 -21.64 26.13 30.09
C ASN B 289 -21.88 25.23 28.87
N PRO B 290 -22.38 24.00 29.07
CA PRO B 290 -22.45 23.04 27.95
C PRO B 290 -23.48 23.38 26.89
N TYR B 291 -24.55 24.11 27.24
CA TYR B 291 -25.61 24.39 26.28
C TYR B 291 -25.15 25.32 25.17
N ARG B 292 -24.13 26.13 25.43
CA ARG B 292 -23.46 26.89 24.39
C ARG B 292 -22.25 26.18 23.82
N ASN B 293 -21.46 25.52 24.68
CA ASN B 293 -20.12 25.11 24.28
C ASN B 293 -20.06 23.69 23.72
N LEU B 294 -21.15 22.93 23.71
CA LEU B 294 -21.11 21.66 22.98
C LEU B 294 -21.37 21.82 21.49
N PRO B 295 -22.44 22.50 21.01
CA PRO B 295 -22.58 22.62 19.54
C PRO B 295 -21.58 23.58 18.94
N LEU B 296 -21.15 24.59 19.70
CA LEU B 296 -20.13 25.50 19.18
C LEU B 296 -18.79 24.81 19.06
N ALA B 297 -18.50 23.84 19.92
CA ALA B 297 -17.29 23.06 19.73
C ALA B 297 -17.43 22.00 18.64
N ILE B 298 -18.65 21.55 18.35
CA ILE B 298 -18.83 20.59 17.27
C ILE B 298 -18.79 21.24 15.88
N ILE B 299 -19.49 22.35 15.66
CA ILE B 299 -19.59 22.95 14.33
C ILE B 299 -18.36 23.79 13.98
N ILE B 300 -17.47 24.04 14.94
CA ILE B 300 -16.15 24.59 14.65
C ILE B 300 -15.16 23.48 14.29
N SER B 301 -15.22 22.35 14.98
CA SER B 301 -14.25 21.29 14.78
C SER B 301 -14.50 20.48 13.52
N LEU B 302 -15.74 20.08 13.26
CA LEU B 302 -15.96 19.09 12.21
C LEU B 302 -15.93 19.56 10.75
N PRO B 303 -16.39 20.76 10.39
CA PRO B 303 -16.11 21.24 9.01
C PRO B 303 -14.65 21.55 8.73
N ILE B 304 -13.80 21.65 9.77
CA ILE B 304 -12.37 21.80 9.55
C ILE B 304 -11.77 20.50 9.01
N VAL B 305 -12.20 19.38 9.60
CA VAL B 305 -11.68 18.05 9.25
C VAL B 305 -12.03 17.63 7.82
N THR B 306 -13.26 17.86 7.37
CA THR B 306 -13.64 17.52 6.01
C THR B 306 -12.99 18.38 4.95
N LEU B 307 -12.43 19.53 5.33
CA LEU B 307 -11.64 20.35 4.43
C LEU B 307 -10.18 19.93 4.39
N VAL B 308 -9.61 19.67 5.56
CA VAL B 308 -8.22 19.20 5.65
C VAL B 308 -8.08 17.82 5.01
N TYR B 309 -9.11 16.99 5.11
CA TYR B 309 -9.07 15.64 4.55
C TYR B 309 -9.16 15.60 3.04
N VAL B 310 -9.60 16.68 2.38
CA VAL B 310 -9.58 16.66 0.92
C VAL B 310 -8.35 17.42 0.43
N LEU B 311 -7.95 18.48 1.15
CA LEU B 311 -6.71 19.17 0.80
C LEU B 311 -5.47 18.36 1.11
N THR B 312 -5.57 17.27 1.88
CA THR B 312 -4.46 16.36 2.06
C THR B 312 -4.40 15.30 0.96
N ASN B 313 -5.54 14.72 0.59
CA ASN B 313 -5.54 13.70 -0.46
C ASN B 313 -5.26 14.29 -1.85
N LEU B 314 -5.75 15.49 -2.16
CA LEU B 314 -5.40 16.03 -3.46
C LEU B 314 -3.94 16.47 -3.53
N ALA B 315 -3.32 16.80 -2.39
CA ALA B 315 -1.90 17.06 -2.37
C ALA B 315 -1.07 15.78 -2.41
N TYR B 316 -1.64 14.67 -1.92
CA TYR B 316 -1.06 13.36 -2.17
C TYR B 316 -1.12 13.01 -3.65
N PHE B 317 -2.16 13.49 -4.34
CA PHE B 317 -2.36 13.17 -5.75
C PHE B 317 -1.49 14.02 -6.69
N THR B 318 -0.99 15.19 -6.28
CA THR B 318 -0.11 15.97 -7.15
C THR B 318 1.27 15.36 -7.31
N THR B 319 1.82 14.76 -6.27
CA THR B 319 3.19 14.27 -6.31
C THR B 319 3.26 12.83 -6.84
N LEU B 320 2.44 11.95 -6.31
CA LEU B 320 2.51 10.55 -6.69
C LEU B 320 1.46 10.24 -7.75
N SER B 321 1.67 9.12 -8.45
CA SER B 321 0.76 8.63 -9.46
C SER B 321 -0.03 7.43 -8.92
N THR B 322 -0.94 6.91 -9.75
CA THR B 322 -1.83 5.87 -9.26
C THR B 322 -1.16 4.50 -9.25
N GLU B 323 0.01 4.37 -9.88
CA GLU B 323 0.71 3.09 -9.84
C GLU B 323 1.70 3.00 -8.69
N GLN B 324 2.19 4.15 -8.20
CA GLN B 324 3.07 4.13 -7.05
C GLN B 324 2.32 4.33 -5.74
N MET B 325 1.09 4.85 -5.78
CA MET B 325 0.29 4.92 -4.58
C MET B 325 -0.29 3.55 -4.22
N LEU B 326 -0.79 2.83 -5.21
CA LEU B 326 -1.34 1.49 -4.98
C LEU B 326 -0.27 0.47 -4.66
N SER B 327 0.99 0.74 -4.99
CA SER B 327 2.11 -0.12 -4.62
C SER B 327 2.89 0.46 -3.45
N SER B 328 2.20 1.17 -2.56
CA SER B 328 2.79 1.74 -1.35
C SER B 328 1.96 1.34 -0.14
N GLU B 329 2.65 1.05 0.95
CA GLU B 329 2.00 0.75 2.23
C GLU B 329 2.05 1.93 3.20
N ALA B 330 2.78 2.99 2.87
CA ALA B 330 2.83 4.20 3.69
C ALA B 330 2.93 5.38 2.74
N VAL B 331 1.80 6.06 2.52
CA VAL B 331 1.72 7.11 1.52
C VAL B 331 2.45 8.36 1.98
N ALA B 332 2.38 8.66 3.27
CA ALA B 332 3.07 9.84 3.80
C ALA B 332 4.58 9.67 3.77
N VAL B 333 5.06 8.44 3.97
CA VAL B 333 6.49 8.18 3.90
C VAL B 333 6.99 8.34 2.46
N ASP B 334 6.22 7.88 1.49
CA ASP B 334 6.60 8.06 0.09
C ASP B 334 6.43 9.51 -0.36
N PHE B 335 5.55 10.27 0.30
CA PHE B 335 5.48 11.70 0.05
C PHE B 335 6.73 12.40 0.56
N GLY B 336 7.12 12.11 1.80
CA GLY B 336 8.30 12.71 2.38
C GLY B 336 9.60 12.32 1.72
N ASN B 337 9.70 11.09 1.22
CA ASN B 337 10.88 10.64 0.50
C ASN B 337 11.10 11.41 -0.80
N TYR B 338 10.03 11.73 -1.52
CA TYR B 338 10.17 12.53 -2.73
C TYR B 338 10.35 14.01 -2.44
N HIS B 339 9.61 14.57 -1.49
CA HIS B 339 9.63 16.02 -1.29
C HIS B 339 10.68 16.52 -0.32
N LEU B 340 11.34 15.63 0.42
CA LEU B 340 12.38 16.04 1.34
C LEU B 340 13.70 15.32 1.13
N GLY B 341 13.70 14.03 0.81
CA GLY B 341 14.94 13.29 0.65
C GLY B 341 15.53 12.88 1.98
N VAL B 342 16.63 13.52 2.38
CA VAL B 342 17.09 13.47 3.76
C VAL B 342 16.35 14.55 4.51
N MET B 343 16.37 14.47 5.84
CA MET B 343 15.45 15.18 6.75
C MET B 343 13.99 14.89 6.40
N SER B 344 13.71 13.65 5.98
CA SER B 344 12.35 13.18 5.72
C SER B 344 11.89 12.23 6.81
N TRP B 345 12.66 12.12 7.89
CA TRP B 345 12.29 11.34 9.06
C TRP B 345 11.26 12.05 9.93
N ILE B 346 10.98 13.32 9.66
CA ILE B 346 10.04 14.05 10.50
C ILE B 346 8.61 13.68 10.17
N ILE B 347 8.38 13.15 8.96
CA ILE B 347 7.05 12.72 8.55
C ILE B 347 6.63 11.44 9.27
N PRO B 348 7.45 10.37 9.42
CA PRO B 348 6.99 9.25 10.25
C PRO B 348 6.85 9.59 11.73
N VAL B 349 7.68 10.47 12.28
CA VAL B 349 7.52 10.81 13.69
C VAL B 349 6.37 11.78 13.90
N PHE B 350 5.96 12.48 12.85
CA PHE B 350 4.80 13.35 13.00
C PHE B 350 3.49 12.67 12.69
N VAL B 351 3.50 11.58 11.93
CA VAL B 351 2.33 10.69 11.89
C VAL B 351 2.36 9.68 13.02
N GLY B 352 3.46 9.61 13.78
CA GLY B 352 3.45 8.84 15.01
C GLY B 352 2.88 9.62 16.18
N LEU B 353 3.25 10.90 16.29
CA LEU B 353 2.67 11.77 17.31
C LEU B 353 1.23 12.12 17.01
N SER B 354 0.76 11.92 15.78
CA SER B 354 -0.66 12.06 15.47
C SER B 354 -1.48 10.97 16.15
N CYS B 355 -0.94 9.76 16.24
CA CYS B 355 -1.64 8.68 16.89
C CYS B 355 -1.40 8.62 18.39
N PHE B 356 -0.67 9.59 18.95
CA PHE B 356 -0.48 9.66 20.39
C PHE B 356 -1.58 10.46 21.05
N GLY B 357 -2.04 11.52 20.40
CA GLY B 357 -3.13 12.32 20.89
C GLY B 357 -4.49 11.76 20.63
N SER B 358 -4.60 10.67 19.88
CA SER B 358 -5.87 9.99 19.65
C SER B 358 -6.13 8.88 20.65
N VAL B 359 -5.10 8.39 21.34
CA VAL B 359 -5.31 7.44 22.42
C VAL B 359 -5.62 8.17 23.71
N ASN B 360 -5.09 9.39 23.89
CA ASN B 360 -5.40 10.19 25.07
C ASN B 360 -6.87 10.62 25.07
N GLY B 361 -7.35 11.15 23.95
CA GLY B 361 -8.72 11.56 23.83
C GLY B 361 -9.74 10.44 23.84
N SER B 362 -9.32 9.20 23.62
CA SER B 362 -10.23 8.08 23.69
C SER B 362 -10.10 7.25 24.96
N LEU B 363 -9.02 7.41 25.72
CA LEU B 363 -9.00 6.93 27.09
C LEU B 363 -9.66 7.91 28.04
N PHE B 364 -9.71 9.19 27.69
CA PHE B 364 -10.36 10.18 28.52
C PHE B 364 -11.88 10.02 28.53
N THR B 365 -12.48 9.63 27.40
CA THR B 365 -13.93 9.47 27.33
C THR B 365 -14.41 8.07 27.65
N SER B 366 -13.59 7.05 27.41
CA SER B 366 -13.95 5.69 27.78
C SER B 366 -14.04 5.50 29.29
N SER B 367 -13.24 6.24 30.06
CA SER B 367 -13.36 6.18 31.50
C SER B 367 -14.65 6.82 32.00
N ARG B 368 -15.05 7.94 31.40
CA ARG B 368 -16.27 8.64 31.76
C ARG B 368 -17.52 7.92 31.27
N LEU B 369 -17.40 7.05 30.28
CA LEU B 369 -18.50 6.17 29.91
C LEU B 369 -18.77 5.11 30.96
N PHE B 370 -17.74 4.42 31.44
CA PHE B 370 -17.95 3.39 32.46
C PHE B 370 -18.19 3.99 33.84
N PHE B 371 -17.83 5.26 34.03
CA PHE B 371 -18.27 6.03 35.18
C PHE B 371 -19.80 6.08 35.24
N VAL B 372 -20.43 6.51 34.16
CA VAL B 372 -21.87 6.71 34.14
C VAL B 372 -22.61 5.38 34.01
N GLY B 373 -21.99 4.37 33.40
CA GLY B 373 -22.56 3.04 33.39
C GLY B 373 -22.68 2.39 34.75
N SER B 374 -21.91 2.85 35.74
CA SER B 374 -22.02 2.31 37.08
C SER B 374 -22.98 3.11 37.97
N ARG B 375 -23.25 4.37 37.64
CA ARG B 375 -24.22 5.15 38.39
C ARG B 375 -25.65 4.70 38.17
N GLU B 376 -25.92 4.04 37.04
CA GLU B 376 -27.25 3.50 36.76
C GLU B 376 -27.41 2.07 37.25
N GLY B 377 -26.43 1.53 37.97
CA GLY B 377 -26.49 0.17 38.44
C GLY B 377 -26.15 -0.89 37.41
N HIS B 378 -25.76 -0.50 36.20
CA HIS B 378 -25.42 -1.46 35.17
C HIS B 378 -24.02 -2.06 35.34
N LEU B 379 -23.19 -1.47 36.17
CA LEU B 379 -21.83 -1.95 36.42
C LEU B 379 -21.64 -2.07 37.92
N PRO B 380 -20.58 -2.76 38.37
CA PRO B 380 -20.24 -2.71 39.79
C PRO B 380 -19.91 -1.31 40.26
N SER B 381 -20.19 -1.06 41.54
CA SER B 381 -20.13 0.29 42.08
C SER B 381 -18.75 0.73 42.49
N ILE B 382 -17.71 -0.10 42.28
CA ILE B 382 -16.36 0.36 42.54
C ILE B 382 -15.95 1.36 41.48
N LEU B 383 -16.37 1.15 40.23
CA LEU B 383 -16.34 2.22 39.25
C LEU B 383 -17.34 3.29 39.68
N SER B 384 -17.10 4.52 39.21
CA SER B 384 -17.72 5.74 39.73
C SER B 384 -17.47 5.91 41.22
N MET B 385 -16.21 5.83 41.61
CA MET B 385 -15.75 6.21 42.94
C MET B 385 -14.57 7.14 42.76
N ILE B 386 -14.79 8.43 43.05
CA ILE B 386 -13.79 9.44 42.81
C ILE B 386 -12.75 9.44 43.92
N HIS B 387 -11.48 9.50 43.54
CA HIS B 387 -10.42 9.75 44.50
C HIS B 387 -10.49 11.20 44.98
N PRO B 388 -10.67 11.45 46.28
CA PRO B 388 -10.70 12.82 46.77
C PRO B 388 -9.32 13.45 46.74
N GLN B 389 -9.31 14.77 46.50
CA GLN B 389 -8.18 15.70 46.38
C GLN B 389 -7.41 15.53 45.07
N LEU B 390 -7.71 14.48 44.31
CA LEU B 390 -7.27 14.39 42.92
C LEU B 390 -8.43 14.55 41.96
N LEU B 391 -9.62 14.09 42.39
CA LEU B 391 -10.91 14.31 41.71
C LEU B 391 -10.92 13.66 40.32
N THR B 392 -10.35 12.46 40.24
CA THR B 392 -10.23 11.70 39.01
C THR B 392 -10.77 10.29 39.24
N PRO B 393 -11.46 9.72 38.25
CA PRO B 393 -11.97 8.35 38.38
C PRO B 393 -10.87 7.30 38.17
N VAL B 394 -10.12 7.06 39.24
CA VAL B 394 -9.00 6.09 39.16
C VAL B 394 -9.44 4.66 38.88
N PRO B 395 -10.43 4.05 39.56
CA PRO B 395 -10.73 2.64 39.27
C PRO B 395 -11.38 2.39 37.92
N SER B 396 -11.86 3.43 37.24
CA SER B 396 -12.35 3.28 35.89
C SER B 396 -11.25 3.43 34.85
N LEU B 397 -10.26 4.28 35.12
CA LEU B 397 -9.10 4.40 34.24
C LEU B 397 -8.24 3.15 34.28
N VAL B 398 -8.08 2.54 35.46
CA VAL B 398 -7.36 1.27 35.55
C VAL B 398 -8.06 0.20 34.72
N PHE B 399 -9.39 0.18 34.74
CA PHE B 399 -10.17 -0.78 33.98
C PHE B 399 -10.06 -0.56 32.48
N THR B 400 -10.18 0.69 32.03
CA THR B 400 -10.06 0.99 30.61
C THR B 400 -8.62 0.92 30.10
N CYS B 401 -7.63 0.85 30.98
CA CYS B 401 -6.27 0.54 30.54
C CYS B 401 -6.03 -0.96 30.44
N VAL B 402 -6.52 -1.73 31.42
CA VAL B 402 -6.34 -3.18 31.42
C VAL B 402 -7.07 -3.83 30.26
N MET B 403 -8.28 -3.34 29.94
CA MET B 403 -9.01 -3.87 28.80
C MET B 403 -8.30 -3.59 27.48
N THR B 404 -7.64 -2.44 27.37
CA THR B 404 -6.90 -2.12 26.15
C THR B 404 -5.63 -2.97 26.04
N LEU B 405 -4.91 -3.16 27.14
CA LEU B 405 -3.72 -4.00 27.13
C LEU B 405 -4.03 -5.48 26.94
N LEU B 406 -5.28 -5.91 27.17
CA LEU B 406 -5.61 -7.30 26.90
C LEU B 406 -5.66 -7.64 25.41
N TYR B 407 -5.76 -6.64 24.54
CA TYR B 407 -5.79 -6.88 23.10
C TYR B 407 -4.40 -6.92 22.47
N ALA B 408 -3.35 -7.01 23.29
CA ALA B 408 -2.01 -7.24 22.80
C ALA B 408 -1.69 -8.73 22.65
N PHE B 409 -2.70 -9.59 22.76
CA PHE B 409 -2.58 -11.00 22.43
C PHE B 409 -3.18 -11.33 21.08
N SER B 410 -3.92 -10.41 20.48
CA SER B 410 -4.53 -10.62 19.18
C SER B 410 -3.48 -10.51 18.08
N LYS B 411 -3.54 -11.45 17.13
CA LYS B 411 -2.65 -11.41 15.98
C LYS B 411 -3.26 -10.61 14.83
N ASP B 412 -4.49 -10.92 14.45
CA ASP B 412 -5.22 -10.17 13.42
C ASP B 412 -6.55 -9.68 14.01
N ILE B 413 -6.51 -8.50 14.62
CA ILE B 413 -7.71 -7.86 15.11
C ILE B 413 -8.15 -6.69 14.22
N PHE B 414 -7.45 -6.44 13.11
CA PHE B 414 -7.90 -5.47 12.13
C PHE B 414 -9.22 -5.87 11.48
N SER B 415 -9.57 -7.16 11.50
CA SER B 415 -10.83 -7.66 10.97
C SER B 415 -11.91 -7.79 12.05
N VAL B 416 -11.87 -7.00 13.12
CA VAL B 416 -12.98 -6.94 14.07
C VAL B 416 -13.83 -5.75 13.66
N ILE B 417 -13.35 -5.02 12.66
CA ILE B 417 -14.07 -3.87 12.12
C ILE B 417 -15.31 -4.32 11.36
N ASN B 418 -15.21 -5.42 10.61
CA ASN B 418 -16.36 -5.91 9.86
C ASN B 418 -17.33 -6.66 10.75
N PHE B 419 -16.86 -7.09 11.92
CA PHE B 419 -17.67 -7.87 12.85
C PHE B 419 -18.78 -7.04 13.49
N PHE B 420 -18.50 -5.75 13.75
CA PHE B 420 -19.41 -4.91 14.51
C PHE B 420 -19.63 -3.54 13.90
N SER B 421 -19.42 -3.42 12.60
CA SER B 421 -19.66 -2.18 11.90
C SER B 421 -21.16 -1.96 11.74
N PHE B 422 -21.93 -3.05 11.75
CA PHE B 422 -23.38 -2.96 11.62
C PHE B 422 -24.03 -2.44 12.89
N PHE B 423 -23.51 -2.83 14.06
CA PHE B 423 -24.12 -2.42 15.32
C PHE B 423 -23.66 -1.02 15.69
N ASN B 424 -22.45 -0.67 15.25
CA ASN B 424 -21.88 0.65 15.51
C ASN B 424 -22.67 1.75 14.81
N TRP B 425 -23.31 1.42 13.69
CA TRP B 425 -24.22 2.36 13.05
C TRP B 425 -25.67 2.13 13.43
N LEU B 426 -26.01 0.92 13.89
CA LEU B 426 -27.37 0.67 14.36
C LEU B 426 -27.66 1.43 15.63
N CYS B 427 -26.64 1.63 16.48
CA CYS B 427 -26.81 2.45 17.68
C CYS B 427 -27.04 3.92 17.33
N VAL B 428 -26.35 4.43 16.31
CA VAL B 428 -26.53 5.83 15.93
C VAL B 428 -27.87 6.02 15.24
N ALA B 429 -28.36 4.98 14.55
CA ALA B 429 -29.71 5.04 14.02
C ALA B 429 -30.76 4.98 15.13
N LEU B 430 -30.57 4.10 16.10
CA LEU B 430 -31.52 3.92 17.19
C LEU B 430 -31.59 5.14 18.09
N ALA B 431 -30.46 5.83 18.26
CA ALA B 431 -30.44 7.05 19.08
C ALA B 431 -31.24 8.15 18.43
N ILE B 432 -31.18 8.27 17.10
CA ILE B 432 -31.88 9.33 16.40
C ILE B 432 -33.36 9.02 16.19
N ILE B 433 -33.72 7.74 16.02
CA ILE B 433 -35.13 7.35 16.04
C ILE B 433 -35.76 7.72 17.38
N GLY B 434 -35.07 7.40 18.47
CA GLY B 434 -35.52 7.81 19.79
C GLY B 434 -35.49 9.31 20.02
N MET B 435 -34.58 10.02 19.36
CA MET B 435 -34.56 11.48 19.43
C MET B 435 -35.81 12.08 18.81
N ILE B 436 -36.23 11.56 17.66
CA ILE B 436 -37.46 12.02 17.04
C ILE B 436 -38.67 11.58 17.86
N TRP B 437 -38.60 10.38 18.44
CA TRP B 437 -39.71 9.85 19.23
C TRP B 437 -39.92 10.64 20.51
N LEU B 438 -38.85 11.15 21.10
CA LEU B 438 -38.93 11.96 22.31
C LEU B 438 -39.52 13.34 22.05
N ARG B 439 -39.37 13.86 20.84
CA ARG B 439 -39.92 15.18 20.53
C ARG B 439 -41.44 15.14 20.40
N HIS B 440 -41.98 14.04 19.87
CA HIS B 440 -43.42 13.88 19.74
C HIS B 440 -44.04 13.13 20.91
N ARG B 441 -43.30 12.92 21.99
CA ARG B 441 -43.83 12.33 23.22
C ARG B 441 -43.74 13.26 24.42
N LYS B 442 -42.60 13.92 24.60
CA LYS B 442 -42.42 14.91 25.66
C LYS B 442 -42.09 16.24 25.00
N PRO B 443 -43.09 16.91 24.42
CA PRO B 443 -42.77 18.06 23.55
C PRO B 443 -42.64 19.38 24.30
N GLU B 444 -42.02 19.36 25.48
CA GLU B 444 -41.78 20.60 26.22
C GLU B 444 -40.59 20.37 27.15
N LEU B 445 -39.40 20.65 26.64
CA LEU B 445 -38.18 20.67 27.43
C LEU B 445 -37.39 21.91 27.04
N GLU B 446 -36.33 22.17 27.79
CA GLU B 446 -35.46 23.30 27.46
C GLU B 446 -34.54 22.86 26.32
N ARG B 447 -34.89 23.25 25.09
CA ARG B 447 -34.14 22.90 23.89
C ARG B 447 -33.40 24.14 23.41
N PRO B 448 -32.12 24.30 23.73
CA PRO B 448 -31.41 25.52 23.34
C PRO B 448 -31.07 25.56 21.87
N ILE B 449 -30.85 24.40 21.26
CA ILE B 449 -30.57 24.30 19.83
C ILE B 449 -31.45 23.19 19.29
N LYS B 450 -32.41 23.53 18.45
CA LYS B 450 -33.25 22.58 17.76
C LYS B 450 -32.74 22.43 16.33
N VAL B 451 -32.82 21.22 15.80
CA VAL B 451 -32.31 20.94 14.47
C VAL B 451 -33.46 21.10 13.48
N ASN B 452 -33.12 21.58 12.28
CA ASN B 452 -34.04 21.51 11.17
C ASN B 452 -34.25 20.05 10.81
N LEU B 453 -35.51 19.60 10.81
CA LEU B 453 -35.83 18.20 10.60
C LEU B 453 -35.61 17.84 9.12
N ALA B 454 -35.72 16.53 8.83
CA ALA B 454 -35.45 15.79 7.59
C ALA B 454 -33.96 15.64 7.33
N LEU B 455 -33.11 16.24 8.18
CA LEU B 455 -31.73 15.78 8.28
C LEU B 455 -31.65 14.53 9.17
N PRO B 456 -32.38 14.43 10.31
CA PRO B 456 -32.47 13.10 10.95
C PRO B 456 -33.19 12.06 10.11
N VAL B 457 -34.19 12.45 9.32
CA VAL B 457 -34.88 11.50 8.46
C VAL B 457 -33.93 10.98 7.37
N PHE B 458 -33.06 11.86 6.87
CA PHE B 458 -32.03 11.44 5.94
C PHE B 458 -31.02 10.51 6.62
N PHE B 459 -30.60 10.85 7.83
CA PHE B 459 -29.57 10.09 8.52
C PHE B 459 -30.03 8.70 8.96
N ILE B 460 -31.32 8.54 9.32
CA ILE B 460 -31.83 7.24 9.73
C ILE B 460 -31.79 6.24 8.58
N LEU B 461 -32.33 6.63 7.42
CA LEU B 461 -32.29 5.74 6.27
C LEU B 461 -30.90 5.61 5.67
N ALA B 462 -30.01 6.60 5.89
CA ALA B 462 -28.63 6.44 5.46
C ALA B 462 -27.90 5.40 6.31
N CYS B 463 -28.13 5.41 7.62
CA CYS B 463 -27.58 4.37 8.48
C CYS B 463 -28.22 3.01 8.22
N LEU B 464 -29.49 2.98 7.82
CA LEU B 464 -30.11 1.73 7.42
C LEU B 464 -29.57 1.22 6.09
N PHE B 465 -29.19 2.12 5.19
CA PHE B 465 -28.50 1.72 3.97
C PHE B 465 -27.09 1.20 4.27
N LEU B 466 -26.41 1.79 5.25
CA LEU B 466 -25.09 1.30 5.65
C LEU B 466 -25.14 -0.01 6.41
N ILE B 467 -26.23 -0.30 7.13
CA ILE B 467 -26.39 -1.60 7.78
C ILE B 467 -26.96 -2.65 6.82
N ALA B 468 -27.61 -2.24 5.72
CA ALA B 468 -28.17 -3.22 4.80
C ALA B 468 -27.13 -3.90 3.93
N VAL B 469 -25.91 -3.38 3.88
CA VAL B 469 -24.86 -3.98 3.07
C VAL B 469 -24.06 -4.96 3.92
N SER B 470 -24.37 -5.02 5.21
CA SER B 470 -23.78 -6.01 6.10
C SER B 470 -24.52 -7.33 6.07
N PHE B 471 -25.74 -7.36 5.54
CA PHE B 471 -26.57 -8.55 5.54
C PHE B 471 -26.81 -9.10 4.13
N TRP B 472 -26.61 -8.29 3.09
CA TRP B 472 -26.84 -8.72 1.73
C TRP B 472 -25.57 -8.85 0.90
N LYS B 473 -24.46 -8.25 1.35
CA LYS B 473 -23.20 -8.32 0.61
C LYS B 473 -22.16 -9.18 1.34
N THR B 474 -21.96 -8.96 2.63
CA THR B 474 -21.05 -9.77 3.43
C THR B 474 -21.71 -10.20 4.74
N PRO B 475 -22.68 -11.13 4.67
CA PRO B 475 -23.37 -11.58 5.88
C PRO B 475 -22.66 -12.69 6.63
N VAL B 476 -21.36 -12.89 6.39
CA VAL B 476 -20.66 -14.07 6.88
C VAL B 476 -20.49 -14.01 8.40
N GLU B 477 -19.93 -12.92 8.91
CA GLU B 477 -19.53 -12.90 10.31
C GLU B 477 -20.52 -12.17 11.20
N CYS B 478 -21.63 -11.68 10.63
CA CYS B 478 -22.61 -10.95 11.42
C CYS B 478 -23.38 -11.88 12.36
N GLY B 479 -23.58 -13.13 11.96
CA GLY B 479 -24.19 -14.09 12.87
C GLY B 479 -23.28 -14.47 14.01
N ILE B 480 -21.97 -14.44 13.78
CA ILE B 480 -21.01 -14.64 14.85
C ILE B 480 -20.99 -13.42 15.78
N GLY B 481 -21.14 -12.23 15.20
CA GLY B 481 -21.16 -11.02 16.01
C GLY B 481 -22.42 -10.87 16.84
N PHE B 482 -23.54 -11.41 16.36
CA PHE B 482 -24.81 -11.32 17.08
C PHE B 482 -24.79 -12.21 18.32
N THR B 483 -24.02 -13.30 18.27
CA THR B 483 -23.92 -14.20 19.42
C THR B 483 -23.15 -13.56 20.57
N ILE B 484 -22.31 -12.57 20.28
CA ILE B 484 -21.64 -11.81 21.34
C ILE B 484 -22.66 -11.04 22.17
N ILE B 485 -23.61 -10.37 21.51
CA ILE B 485 -24.64 -9.61 22.20
C ILE B 485 -25.57 -10.53 22.98
N LEU B 486 -25.98 -11.63 22.35
CA LEU B 486 -26.87 -12.54 23.05
C LEU B 486 -26.15 -13.35 24.13
N SER B 487 -24.81 -13.38 24.12
CA SER B 487 -24.09 -13.90 25.27
C SER B 487 -23.88 -12.84 26.32
N GLY B 488 -24.02 -11.57 25.93
CA GLY B 488 -23.99 -10.51 26.92
C GLY B 488 -25.29 -10.39 27.70
N LEU B 489 -26.38 -10.86 27.12
CA LEU B 489 -27.70 -10.86 27.77
C LEU B 489 -27.80 -11.63 29.11
N PRO B 490 -27.27 -12.87 29.25
CA PRO B 490 -27.35 -13.50 30.59
C PRO B 490 -26.46 -12.84 31.63
N VAL B 491 -25.41 -12.14 31.19
CA VAL B 491 -24.61 -11.31 32.08
C VAL B 491 -25.48 -10.21 32.69
N TYR B 492 -26.37 -9.63 31.87
CA TYR B 492 -27.31 -8.62 32.33
C TYR B 492 -28.24 -9.20 33.37
N PHE B 493 -28.82 -10.36 33.06
CA PHE B 493 -29.78 -10.96 33.98
C PHE B 493 -29.16 -11.27 35.33
N PHE B 494 -27.99 -11.93 35.32
CA PHE B 494 -27.26 -12.27 36.53
C PHE B 494 -26.80 -11.04 37.31
N GLY B 495 -26.33 -10.00 36.63
CA GLY B 495 -25.79 -8.86 37.32
C GLY B 495 -26.84 -7.90 37.87
N VAL B 496 -27.85 -7.59 37.06
CA VAL B 496 -28.77 -6.52 37.41
C VAL B 496 -30.10 -7.09 37.87
N TRP B 497 -30.63 -8.07 37.14
CA TRP B 497 -32.01 -8.48 37.37
C TRP B 497 -32.14 -9.40 38.57
N TRP B 498 -31.13 -10.23 38.83
CA TRP B 498 -31.23 -11.24 39.88
C TRP B 498 -31.04 -10.57 41.24
N LYS B 499 -32.14 -10.05 41.77
CA LYS B 499 -32.18 -9.65 43.17
C LYS B 499 -32.52 -10.88 44.02
N ASN B 500 -32.87 -10.63 45.28
CA ASN B 500 -32.93 -11.65 46.34
C ASN B 500 -31.62 -12.42 46.42
N LYS B 501 -30.51 -11.67 46.41
CA LYS B 501 -29.19 -12.27 46.29
C LYS B 501 -28.81 -12.98 47.60
N PRO B 502 -28.16 -14.13 47.52
CA PRO B 502 -27.71 -14.81 48.73
C PRO B 502 -26.53 -14.10 49.36
N LYS B 503 -26.36 -14.31 50.66
CA LYS B 503 -25.29 -13.69 51.41
C LYS B 503 -23.96 -14.42 51.25
N TRP B 504 -23.96 -15.55 50.52
CA TRP B 504 -22.71 -16.19 50.12
C TRP B 504 -21.93 -15.30 49.16
N LEU B 505 -22.62 -14.56 48.30
CA LEU B 505 -22.01 -13.77 47.24
C LEU B 505 -21.97 -12.28 47.55
N LEU B 506 -23.00 -11.76 48.21
CA LEU B 506 -23.12 -10.32 48.42
C LEU B 506 -22.06 -9.79 49.39
N GLN B 507 -21.78 -10.54 50.45
CA GLN B 507 -20.72 -10.14 51.38
C GLN B 507 -19.33 -10.27 50.76
N GLY B 508 -19.13 -11.21 49.84
CA GLY B 508 -17.88 -11.29 49.13
C GLY B 508 -17.67 -10.12 48.19
N ILE B 509 -18.77 -9.70 47.54
CA ILE B 509 -18.75 -8.52 46.68
C ILE B 509 -18.41 -7.27 47.49
N PHE B 510 -19.05 -7.12 48.66
CA PHE B 510 -18.74 -6.03 49.57
C PHE B 510 -17.30 -6.07 50.05
N SER B 511 -16.76 -7.27 50.29
CA SER B 511 -15.40 -7.40 50.78
C SER B 511 -14.36 -7.04 49.72
N THR B 512 -14.59 -7.44 48.47
CA THR B 512 -13.60 -7.06 47.45
C THR B 512 -13.76 -5.59 47.04
N THR B 513 -14.98 -5.04 47.14
CA THR B 513 -15.17 -3.63 46.85
C THR B 513 -14.50 -2.76 47.89
N VAL B 514 -14.61 -3.12 49.18
CA VAL B 514 -13.92 -2.35 50.20
C VAL B 514 -12.41 -2.60 50.17
N LEU B 515 -11.97 -3.74 49.63
CA LEU B 515 -10.53 -3.99 49.48
C LEU B 515 -9.92 -3.09 48.41
N CYS B 516 -10.53 -3.06 47.22
CA CYS B 516 -10.09 -2.13 46.18
C CYS B 516 -10.28 -0.68 46.59
N GLN B 517 -11.27 -0.39 47.42
CA GLN B 517 -11.51 0.96 47.91
C GLN B 517 -10.40 1.41 48.85
N LYS B 518 -9.97 0.54 49.77
CA LYS B 518 -8.85 0.85 50.63
C LYS B 518 -7.52 0.84 49.87
N LEU B 519 -7.45 0.11 48.76
CA LEU B 519 -6.21 0.07 47.98
C LEU B 519 -6.01 1.34 47.16
N MET B 520 -7.05 1.83 46.51
CA MET B 520 -6.93 3.02 45.66
C MET B 520 -7.31 4.31 46.35
N GLN B 521 -7.89 4.25 47.55
CA GLN B 521 -8.29 5.41 48.38
C GLN B 521 -9.30 6.31 47.66
N VAL B 522 -10.42 5.70 47.27
CA VAL B 522 -11.45 6.38 46.50
C VAL B 522 -12.74 6.43 47.32
N VAL B 523 -13.47 7.52 47.20
CA VAL B 523 -14.71 7.72 47.95
C VAL B 523 -15.85 7.78 46.93
N PRO B 524 -17.07 7.45 47.34
CA PRO B 524 -18.21 7.55 46.43
C PRO B 524 -18.56 9.00 46.12
N GLN B 525 -19.37 9.15 45.09
CA GLN B 525 -19.80 10.47 44.63
C GLN B 525 -20.86 11.00 45.58
N GLU B 526 -21.27 12.25 45.35
CA GLU B 526 -22.28 12.87 46.20
C GLU B 526 -22.42 14.35 45.87
N THR B 527 -23.50 14.69 45.17
CA THR B 527 -23.75 16.07 44.78
C THR B 527 -23.44 17.05 45.90
C1 NAG C . -5.55 -20.66 -33.91
C2 NAG C . -4.26 -21.47 -33.88
C3 NAG C . -4.27 -22.52 -35.00
C4 NAG C . -5.53 -23.38 -34.92
C5 NAG C . -6.76 -22.48 -34.94
C6 NAG C . -8.06 -23.23 -34.77
C7 NAG C . -2.21 -20.44 -33.03
C8 NAG C . -1.07 -19.51 -33.33
N2 NAG C . -3.09 -20.61 -34.01
O3 NAG C . -3.09 -23.31 -34.89
O4 NAG C . -5.61 -24.29 -36.01
O5 NAG C . -6.68 -21.54 -33.85
O6 NAG C . -9.12 -22.36 -34.41
O7 NAG C . -2.31 -21.01 -31.93
C1 NAG C . -5.25 -25.63 -35.56
C2 NAG C . -6.22 -26.69 -36.11
C3 NAG C . -5.76 -28.09 -35.69
C4 NAG C . -4.31 -28.33 -36.10
C5 NAG C . -3.42 -27.21 -35.55
C6 NAG C . -1.99 -27.32 -36.03
C7 NAG C . -8.65 -26.63 -36.41
C8 NAG C . -9.98 -26.32 -35.77
N2 NAG C . -7.58 -26.44 -35.65
O3 NAG C . -6.61 -29.07 -36.29
O4 NAG C . -3.87 -29.58 -35.60
O5 NAG C . -3.90 -25.94 -36.00
O6 NAG C . -1.78 -26.57 -37.21
O7 NAG C . -8.58 -27.04 -37.57
C1 NAG D . 36.38 10.75 -20.86
C2 NAG D . 36.83 10.81 -19.41
C3 NAG D . 37.48 12.17 -19.12
C4 NAG D . 38.55 12.54 -20.17
C5 NAG D . 38.15 12.18 -21.61
C6 NAG D . 39.33 12.10 -22.55
C7 NAG D . 35.83 9.82 -17.40
C8 NAG D . 34.59 9.68 -16.57
N2 NAG D . 35.72 10.58 -18.50
O3 NAG D . 38.04 12.15 -17.82
O4 NAG D . 38.68 13.96 -20.12
O5 NAG D . 37.50 10.90 -21.69
O6 NAG D . 39.11 11.17 -23.59
O7 NAG D . 36.88 9.27 -17.08
C1 NAG D . 39.99 14.50 -19.87
C2 NAG D . 40.16 15.71 -20.79
C3 NAG D . 41.52 16.36 -20.57
C4 NAG D . 41.70 16.72 -19.10
C5 NAG D . 41.47 15.49 -18.22
C6 NAG D . 41.47 15.84 -16.74
C7 NAG D . 38.90 15.66 -22.93
C8 NAG D . 37.82 16.45 -22.24
N2 NAG D . 39.98 15.34 -22.18
O3 NAG D . 41.62 17.53 -21.38
O4 NAG D . 43.01 17.22 -18.88
O5 NAG D . 40.20 14.90 -18.50
O6 NAG D . 40.63 16.96 -16.48
O7 NAG D . 38.81 15.33 -24.11
C1 NAG E . 28.44 -12.75 -38.11
C2 NAG E . 29.07 -14.13 -37.97
C3 NAG E . 30.20 -14.30 -38.98
C4 NAG E . 29.67 -14.07 -40.40
C5 NAG E . 29.05 -12.68 -40.49
C6 NAG E . 28.37 -12.42 -41.83
C7 NAG E . 29.43 -15.49 -35.97
C8 NAG E . 30.02 -15.55 -34.59
N2 NAG E . 29.58 -14.34 -36.62
O3 NAG E . 30.75 -15.60 -38.87
O4 NAG E . 30.66 -14.32 -41.38
O5 NAG E . 28.03 -12.53 -39.50
O6 NAG E . 27.09 -13.05 -41.89
O7 NAG E . 28.86 -16.46 -36.47
C1 NAG E . 31.82 -13.45 -41.36
C2 NAG E . 33.11 -14.27 -41.43
C3 NAG E . 34.33 -13.35 -41.49
C4 NAG E . 34.18 -12.34 -42.63
C5 NAG E . 32.86 -11.59 -42.52
C6 NAG E . 32.59 -10.69 -43.70
C7 NAG E . 33.72 -16.43 -40.43
C8 NAG E . 33.76 -17.24 -39.18
N2 NAG E . 33.23 -15.19 -40.31
O3 NAG E . 35.51 -14.11 -41.66
O4 NAG E . 35.25 -11.41 -42.59
O5 NAG E . 31.77 -12.53 -42.46
O6 NAG E . 31.31 -10.09 -43.61
O7 NAG E . 34.11 -16.87 -41.51
C1 NAG F . 33.42 -19.86 -12.15
C2 NAG F . 34.69 -19.37 -12.80
C3 NAG F . 35.83 -20.34 -12.50
C4 NAG F . 35.91 -20.71 -11.02
C5 NAG F . 34.54 -20.87 -10.34
C6 NAG F . 34.62 -20.75 -8.83
C7 NAG F . 35.18 -18.33 -14.97
C8 NAG F . 34.88 -18.33 -16.44
N2 NAG F . 34.51 -19.22 -14.24
O3 NAG F . 37.06 -19.77 -12.91
O4 NAG F . 36.49 -22.01 -10.95
O5 NAG F . 33.60 -19.87 -10.76
O6 NAG F . 33.83 -19.69 -8.35
O7 NAG F . 36.00 -17.56 -14.48
C1 NAG F . 37.84 -22.06 -10.49
C2 NAG F . 38.11 -23.52 -10.15
C3 NAG F . 39.56 -23.72 -9.71
C4 NAG F . 40.51 -23.15 -10.76
C5 NAG F . 40.16 -21.70 -11.06
C6 NAG F . 40.99 -21.11 -12.18
C7 NAG F . 36.06 -24.65 -9.37
C8 NAG F . 35.24 -25.05 -8.18
N2 NAG F . 37.20 -23.99 -9.11
O3 NAG F . 39.80 -25.11 -9.53
O4 NAG F . 41.86 -23.22 -10.27
O5 NAG F . 38.79 -21.61 -11.47
O6 NAG F . 40.74 -19.71 -12.33
O7 NAG F . 35.71 -24.90 -10.51
O13 3PH G . -24.54 -2.58 42.58
P 3PH G . -23.39 -3.41 43.11
O14 3PH G . -22.03 -2.79 42.97
O12 3PH G . -23.64 -4.03 44.45
O11 3PH G . -23.37 -4.65 42.09
C1 3PH G . -23.72 -4.44 40.73
C2 3PH G . -23.55 -5.73 39.95
O21 3PH G . -22.24 -6.23 40.22
C21 3PH G . -22.27 -7.46 40.99
O22 3PH G . -23.25 -7.74 41.65
C22 3PH G . -21.07 -8.36 40.96
C23 3PH G . -20.78 -8.79 39.52
C24 3PH G . -19.41 -9.44 39.41
C25 3PH G . -19.14 -9.87 37.98
C26 3PH G . -17.87 -10.69 37.90
C27 3PH G . -17.71 -11.36 36.54
C28 3PH G . -18.91 -12.27 36.25
C29 3PH G . -19.00 -12.58 34.76
C2A 3PH G . -20.27 -13.38 34.45
C2B 3PH G . -20.28 -14.70 35.20
C2C 3PH G . -21.36 -15.63 34.69
C2D 3PH G . -22.76 -15.12 35.02
C2E 3PH G . -23.82 -16.14 34.63
C2F 3PH G . -23.58 -17.48 35.32
C2G 3PH G . -23.89 -18.64 34.39
C2H 3PH G . -22.99 -18.62 33.16
C2I 3PH G . -23.43 -19.64 32.12
C3 3PH G . -23.63 -5.47 38.46
O31 3PH G . -23.14 -6.62 37.80
C31 3PH G . -22.77 -6.61 36.39
O32 3PH G . -23.00 -5.62 35.73
C32 3PH G . -22.10 -7.80 35.77
C33 3PH G . -21.25 -7.37 34.59
C34 3PH G . -19.93 -6.76 35.05
C35 3PH G . -18.99 -6.54 33.88
C36 3PH G . -17.81 -5.65 34.28
C37 3PH G . -17.06 -6.21 35.48
C38 3PH G . -15.74 -5.45 35.68
C39 3PH G . -15.17 -5.67 37.07
C3A 3PH G . -13.98 -4.74 37.28
C3B 3PH G . -13.70 -4.48 38.75
C3C 3PH G . -13.16 -3.08 38.92
C3D 3PH G . -11.82 -3.08 39.64
C3E 3PH G . -11.02 -1.82 39.32
C3F 3PH G . -9.64 -2.20 38.79
C3G 3PH G . -9.77 -2.94 37.46
C3H 3PH G . -9.01 -4.26 37.48
C3I 3PH G . -9.22 -5.02 36.20
C10 HO9 H . -9.97 7.74 16.28
N12 HO9 H . -10.61 7.97 12.84
C13 HO9 H . -14.13 2.61 14.91
C15 HO9 H . -16.50 1.60 15.60
C17 HO9 H . -16.74 -1.03 15.81
C20 HO9 H . -12.95 -0.09 14.77
C22 HO9 H . -11.06 -0.76 13.93
C26 HO9 H . -8.47 -0.89 13.31
C28 HO9 H . -9.40 1.03 14.77
C01 HO9 H . -12.28 4.77 14.80
C02 HO9 H . -11.18 5.78 14.99
C03 HO9 H . -11.19 6.74 16.21
C04 HO9 H . -12.32 6.66 17.22
C05 HO9 H . -13.45 5.63 17.03
C06 HO9 H . -13.43 4.67 15.82
C07 HO9 H . -9.95 5.98 14.04
C08 HO9 H . -9.63 7.42 13.77
C09 HO9 H . -9.58 8.33 14.97
C14 HO9 H . -15.03 1.42 15.23
C16 HO9 H . -17.35 0.37 15.89
C18 HO9 H . -15.27 -1.21 15.44
C19 HO9 H . -14.43 0.03 15.15
C23 HO9 H . -10.84 0.41 14.65
C25 HO9 H . -9.87 -1.48 13.21
C27 HO9 H . -8.24 0.36 14.09
C29 HO9 H . -8.22 7.45 13.09
N24 HO9 H . -12.00 0.81 15.16
O11 HO9 H . -14.46 3.73 15.67
O21 HO9 H . -12.35 -1.05 14.01
O30 HO9 H . -7.19 7.46 13.81
O31 HO9 H . -8.11 7.44 11.85
CAA Y01 I . -5.70 -4.77 39.23
CBA Y01 I . -6.07 -3.65 40.20
CAB Y01 I . -7.21 -4.09 41.12
CAN Y01 I . -4.84 -3.28 41.06
CAJ Y01 I . -4.75 -1.74 41.16
CAO Y01 I . -3.28 -1.33 41.43
CBB Y01 I . -3.13 0.16 41.00
CAC Y01 I . -2.86 0.15 39.49
CBE Y01 I . -2.04 0.80 41.86
CAP Y01 I . -0.94 1.45 41.12
CAQ Y01 I . -0.45 2.57 42.06
CBG Y01 I . -1.48 2.54 43.32
CBI Y01 I . -2.62 1.95 42.80
CAE Y01 I . -3.52 1.42 43.91
CAU Y01 I . -3.38 2.97 41.81
CAS Y01 I . -3.72 4.31 42.49
CBF Y01 I . -2.56 4.93 43.20
CBD Y01 I . -1.86 3.94 44.08
CAK Y01 I . -0.58 4.58 44.71
CAI Y01 I . -1.02 5.73 45.77
CAZ Y01 I . -2.38 6.43 45.45
CAV Y01 I . -2.53 7.84 46.15
CBH Y01 I . -2.87 6.35 43.98
CAD Y01 I . -4.39 6.51 44.10
CAT Y01 I . -2.42 7.62 43.15
CAR Y01 I . -1.51 8.55 43.91
CBC Y01 I . -2.15 9.02 45.28
OAW Y01 I . -1.26 9.83 45.94
CAY Y01 I . -1.34 11.19 45.56
OAG Y01 I . -0.75 11.58 44.60
CAM Y01 I . -2.22 12.17 46.37
CAL Y01 I . -1.33 12.86 47.44
CAX Y01 I . -1.23 14.35 47.14
OAH Y01 I . -0.25 15.02 47.58
OAF Y01 I . -2.13 14.92 46.46
CAA Y01 J . 7.43 11.33 22.29
CBA Y01 J . 6.32 10.69 23.13
CAB Y01 J . 5.92 9.36 22.46
CAN Y01 J . 6.85 10.40 24.56
CAJ Y01 J . 5.95 11.00 25.65
CAO Y01 J . 5.60 12.49 25.35
CBB Y01 J . 5.99 13.42 26.54
CAC Y01 J . 7.52 13.47 26.58
CBE Y01 J . 5.32 12.96 27.84
CAP Y01 J . 6.22 12.82 29.00
CAQ Y01 J . 5.34 13.03 30.25
CBG Y01 J . 3.94 13.60 29.69
CBI Y01 J . 4.18 13.96 28.35
CAE Y01 J . 2.91 13.84 27.51
CAU Y01 J . 4.84 15.45 28.25
CAS Y01 J . 3.99 16.52 28.98
CBF Y01 J . 3.73 16.17 30.41
CBD Y01 J . 3.20 14.78 30.57
CAK Y01 J . 3.28 14.41 32.08
CAI Y01 J . 2.29 15.35 32.96
CAZ Y01 J . 2.19 16.84 32.52
CAV Y01 J . 2.38 17.89 33.68
CBH Y01 J . 2.76 17.29 31.16
CAD Y01 J . 1.57 17.47 30.22
CAT Y01 J . 3.42 18.73 31.26
CAR Y01 J . 2.62 19.78 32.00
CBC Y01 J . 1.82 19.23 33.25
OAW Y01 J . 1.83 20.13 34.31
CAY Y01 J . 0.52 20.46 34.75
OAG Y01 J . 0.01 21.46 34.39
CAM Y01 J . -0.25 19.51 35.70
CAL Y01 J . 0.42 19.52 37.09
CAX Y01 J . -0.65 19.61 38.19
OAH Y01 J . -0.29 19.75 39.39
OAF Y01 J . -1.86 19.53 37.92
#